data_8YXA
#
_entry.id   8YXA
#
_cell.length_a   38.801
_cell.length_b   94.351
_cell.length_c   94.461
_cell.angle_alpha   105.190
_cell.angle_beta   101.780
_cell.angle_gamma   90.030
#
_symmetry.space_group_name_H-M   'P 1'
#
loop_
_entity.id
_entity.type
_entity.pdbx_description
1 polymer 'Serum albumin'
2 non-polymer Cefazolin
3 non-polymer 'MYRISTIC ACID'
#
_entity_poly.entity_id   1
_entity_poly.type   'polypeptide(L)'
_entity_poly.pdbx_seq_one_letter_code
;DAHKSEVAHRFKDLGEENFKALVLIAFAQYLQQCPFEDHVKLVNEVTEFAKTCVADESAENCDKSLHTLFGDKLCTVATL
RETYGEMADCCAKQEPERNECFLQHKDDNPNLPRLVRPEVDVMCTAFHDNEETFLKKYLYEIARRHPYFYAPELLFFAKR
YKAAFTECCQAADKAACLLPKLDELRDEGKASSAKQRLKCASLQKFGERAFKAWAVARLSQRFPKAEFAEVSKLVTDLTK
VHTECCHGDLLECADDRADLAKYICENQDSISSKLKECCEKPLLEKSHCIAEVENDEMPADLPSLAADFVESKDVCKNYA
EAKDVFLGMFLYEYARRHPDYSVVLLLRLAKTYETTLEKCCAAADPHECYAKVFDEFKPLVEEPQNLIKQNCELFEQLGE
YKFQNALLVRYTKKVPQVSTPTLVEVSRNLGKVGSKCCKHPEAKRMPCAEDYLSVVLNQLCVLHEKTPVSDRVTKCCTES
LVNRRPCFSALEVDETYVPKEFNAETFTFHADICTLSEKERQIKKQTALVELVKHKPKATKEQLKAVMDDFAAFVEKCCK
ADDKETCFAEEGKKLVAASQAALGL
;
_entity_poly.pdbx_strand_id   A,B
#
loop_
_chem_comp.id
_chem_comp.type
_chem_comp.name
_chem_comp.formula
MYR non-polymer 'MYRISTIC ACID' 'C14 H28 O2'
X56 non-polymer Cefazolin 'C14 H14 N8 O4 S3'
#
# COMPACT_ATOMS: atom_id res chain seq x y z
N HIS A 3 4.34 -7.44 -14.50
CA HIS A 3 3.29 -7.64 -15.48
C HIS A 3 3.87 -7.58 -16.90
N LYS A 4 4.27 -8.74 -17.41
CA LYS A 4 4.79 -8.81 -18.77
C LYS A 4 3.77 -8.32 -19.78
N SER A 5 2.51 -8.75 -19.63
CA SER A 5 1.40 -8.37 -20.51
C SER A 5 0.33 -7.71 -19.67
N GLU A 6 0.23 -6.38 -19.76
CA GLU A 6 -0.78 -5.65 -18.99
C GLU A 6 -2.19 -5.96 -19.49
N VAL A 7 -2.33 -6.29 -20.78
CA VAL A 7 -3.66 -6.59 -21.31
C VAL A 7 -4.20 -7.88 -20.70
N ALA A 8 -3.33 -8.84 -20.42
CA ALA A 8 -3.76 -10.08 -19.78
C ALA A 8 -4.18 -9.84 -18.34
N HIS A 9 -3.48 -8.94 -17.64
CA HIS A 9 -3.76 -8.72 -16.23
C HIS A 9 -5.10 -8.02 -16.04
N ARG A 10 -5.43 -7.06 -16.92
CA ARG A 10 -6.74 -6.42 -16.86
C ARG A 10 -7.85 -7.44 -17.09
N PHE A 11 -7.69 -8.31 -18.08
CA PHE A 11 -8.70 -9.31 -18.38
C PHE A 11 -8.89 -10.29 -17.22
N LYS A 12 -7.83 -10.55 -16.45
CA LYS A 12 -7.93 -11.46 -15.33
C LYS A 12 -8.60 -10.80 -14.12
N ASP A 13 -8.28 -9.54 -13.86
CA ASP A 13 -8.84 -8.86 -12.69
C ASP A 13 -10.26 -8.38 -12.96
N LEU A 14 -10.48 -7.71 -14.09
CA LEU A 14 -11.80 -7.16 -14.38
C LEU A 14 -12.80 -8.25 -14.71
N GLY A 15 -12.39 -9.25 -15.50
CA GLY A 15 -13.30 -10.22 -16.04
C GLY A 15 -13.69 -9.88 -17.47
N GLU A 16 -14.15 -10.92 -18.20
CA GLU A 16 -14.47 -10.72 -19.62
C GLU A 16 -15.60 -9.73 -19.81
N GLU A 17 -16.62 -9.79 -18.95
CA GLU A 17 -17.78 -8.90 -19.09
C GLU A 17 -17.37 -7.44 -18.94
N ASN A 18 -16.72 -7.10 -17.81
CA ASN A 18 -16.36 -5.71 -17.55
C ASN A 18 -15.27 -5.22 -18.51
N PHE A 19 -14.34 -6.11 -18.90
CA PHE A 19 -13.33 -5.73 -19.88
C PHE A 19 -13.97 -5.24 -21.17
N LYS A 20 -14.87 -6.04 -21.75
CA LYS A 20 -15.52 -5.66 -23.00
C LYS A 20 -16.31 -4.37 -22.84
N ALA A 21 -16.98 -4.19 -21.70
CA ALA A 21 -17.73 -2.97 -21.45
C ALA A 21 -16.80 -1.77 -21.37
N LEU A 22 -15.76 -1.85 -20.54
CA LEU A 22 -14.83 -0.74 -20.41
C LEU A 22 -14.14 -0.43 -21.73
N VAL A 23 -13.86 -1.45 -22.54
CA VAL A 23 -13.25 -1.20 -23.85
C VAL A 23 -14.24 -0.46 -24.75
N LEU A 24 -15.51 -0.87 -24.73
CA LEU A 24 -16.52 -0.13 -25.50
C LEU A 24 -16.62 1.31 -25.04
N ILE A 25 -16.63 1.53 -23.72
CA ILE A 25 -16.70 2.89 -23.20
C ILE A 25 -15.47 3.68 -23.60
N ALA A 26 -14.32 3.01 -23.64
CA ALA A 26 -13.07 3.70 -23.99
C ALA A 26 -13.09 4.19 -25.43
N PHE A 27 -13.49 3.32 -26.37
CA PHE A 27 -13.52 3.73 -27.77
C PHE A 27 -14.70 4.63 -28.09
N ALA A 28 -15.73 4.64 -27.24
CA ALA A 28 -16.85 5.56 -27.44
C ALA A 28 -16.49 6.98 -27.03
N GLN A 29 -15.60 7.14 -26.05
CA GLN A 29 -15.23 8.48 -25.60
C GLN A 29 -14.39 9.21 -26.64
N TYR A 30 -13.55 8.49 -27.38
CA TYR A 30 -12.68 9.10 -28.38
C TYR A 30 -13.38 9.22 -29.73
N LEU A 31 -13.82 8.09 -30.29
CA LEU A 31 -14.51 8.09 -31.58
C LEU A 31 -16.00 8.25 -31.36
N GLN A 32 -16.37 9.48 -30.96
CA GLN A 32 -17.75 9.76 -30.60
C GLN A 32 -18.68 9.67 -31.81
N GLN A 33 -18.21 10.06 -32.99
CA GLN A 33 -19.02 9.99 -34.21
C GLN A 33 -18.66 8.71 -34.98
N CYS A 34 -19.09 7.59 -34.42
CA CYS A 34 -18.89 6.28 -35.03
C CYS A 34 -20.09 5.43 -34.66
N PRO A 35 -20.61 4.62 -35.58
CA PRO A 35 -21.85 3.88 -35.30
C PRO A 35 -21.61 2.75 -34.31
N PHE A 36 -22.72 2.24 -33.77
CA PHE A 36 -22.65 1.17 -32.78
C PHE A 36 -22.07 -0.11 -33.35
N GLU A 37 -22.26 -0.35 -34.65
CA GLU A 37 -21.78 -1.59 -35.26
C GLU A 37 -20.27 -1.57 -35.47
N ASP A 38 -19.69 -0.39 -35.71
CA ASP A 38 -18.25 -0.30 -35.84
C ASP A 38 -17.54 -0.47 -34.50
N HIS A 39 -18.14 0.06 -33.44
CA HIS A 39 -17.51 -0.05 -32.12
C HIS A 39 -17.55 -1.47 -31.60
N VAL A 40 -18.65 -2.19 -31.86
CA VAL A 40 -18.71 -3.59 -31.46
C VAL A 40 -17.65 -4.41 -32.18
N LYS A 41 -17.34 -4.04 -33.43
CA LYS A 41 -16.28 -4.73 -34.16
C LYS A 41 -14.93 -4.51 -33.50
N LEU A 42 -14.67 -3.29 -32.99
CA LEU A 42 -13.41 -3.03 -32.32
C LEU A 42 -13.31 -3.79 -31.01
N VAL A 43 -14.38 -3.78 -30.21
CA VAL A 43 -14.36 -4.42 -28.89
C VAL A 43 -13.99 -5.89 -29.00
N ASN A 44 -14.70 -6.62 -29.87
CA ASN A 44 -14.43 -8.06 -29.97
C ASN A 44 -13.08 -8.33 -30.59
N GLU A 45 -12.54 -7.41 -31.39
CA GLU A 45 -11.18 -7.55 -31.88
C GLU A 45 -10.17 -7.35 -30.76
N VAL A 46 -10.47 -6.46 -29.81
CA VAL A 46 -9.60 -6.28 -28.65
C VAL A 46 -9.73 -7.47 -27.70
N THR A 47 -10.95 -7.97 -27.52
CA THR A 47 -11.18 -9.07 -26.59
C THR A 47 -10.52 -10.37 -27.06
N GLU A 48 -10.65 -10.67 -28.36
CA GLU A 48 -10.02 -11.88 -28.88
C GLU A 48 -8.50 -11.79 -28.84
N PHE A 49 -7.95 -10.59 -28.98
CA PHE A 49 -6.50 -10.42 -28.86
C PHE A 49 -6.06 -10.58 -27.41
N ALA A 50 -6.86 -10.08 -26.46
CA ALA A 50 -6.48 -10.14 -25.06
C ALA A 50 -6.49 -11.55 -24.52
N LYS A 51 -7.39 -12.41 -25.02
CA LYS A 51 -7.42 -13.78 -24.53
C LYS A 51 -6.23 -14.58 -25.03
N THR A 52 -5.62 -14.19 -26.16
CA THR A 52 -4.37 -14.81 -26.57
C THR A 52 -3.24 -14.43 -25.63
N CYS A 53 -3.28 -13.21 -25.08
CA CYS A 53 -2.32 -12.84 -24.06
C CYS A 53 -2.60 -13.55 -22.74
N VAL A 54 -3.87 -13.77 -22.42
CA VAL A 54 -4.21 -14.57 -21.25
C VAL A 54 -3.71 -16.00 -21.42
N ALA A 55 -3.80 -16.54 -22.63
CA ALA A 55 -3.28 -17.89 -22.88
C ALA A 55 -1.76 -17.91 -22.83
N ASP A 56 -1.12 -17.11 -23.69
CA ASP A 56 0.35 -17.03 -23.76
C ASP A 56 0.75 -15.58 -23.50
N GLU A 57 1.20 -15.31 -22.27
CA GLU A 57 1.55 -13.95 -21.88
C GLU A 57 2.73 -13.39 -22.67
N SER A 58 3.54 -14.25 -23.28
CA SER A 58 4.66 -13.83 -24.11
C SER A 58 4.34 -13.86 -25.60
N ALA A 59 3.06 -13.74 -25.96
CA ALA A 59 2.67 -13.76 -27.36
C ALA A 59 3.01 -12.43 -28.02
N GLU A 60 2.87 -12.36 -29.35
CA GLU A 60 3.21 -11.15 -30.09
C GLU A 60 2.31 -9.97 -29.65
N ASN A 61 2.91 -8.77 -29.57
CA ASN A 61 2.42 -7.48 -29.06
C ASN A 61 1.74 -7.55 -27.70
N CYS A 62 1.76 -8.68 -26.98
CA CYS A 62 1.14 -8.65 -25.67
C CYS A 62 1.99 -7.92 -24.65
N ASP A 63 3.28 -7.76 -24.93
CA ASP A 63 4.15 -7.04 -24.02
C ASP A 63 3.93 -5.54 -24.10
N LYS A 64 3.29 -5.07 -25.16
CA LYS A 64 3.03 -3.64 -25.33
C LYS A 64 2.10 -3.12 -24.24
N SER A 65 2.33 -1.86 -23.85
CA SER A 65 1.52 -1.23 -22.83
C SER A 65 0.09 -1.04 -23.33
N LEU A 66 -0.80 -0.70 -22.39
CA LEU A 66 -2.20 -0.51 -22.76
C LEU A 66 -2.38 0.71 -23.66
N HIS A 67 -1.69 1.81 -23.36
CA HIS A 67 -1.79 2.99 -24.20
C HIS A 67 -1.29 2.72 -25.62
N THR A 68 -0.18 1.98 -25.74
CA THR A 68 0.38 1.71 -27.06
C THR A 68 -0.58 0.90 -27.92
N LEU A 69 -1.15 -0.16 -27.35
CA LEU A 69 -2.12 -0.97 -28.09
C LEU A 69 -3.39 -0.19 -28.37
N PHE A 70 -3.83 0.63 -27.41
CA PHE A 70 -5.04 1.42 -27.61
C PHE A 70 -4.86 2.42 -28.75
N GLY A 71 -3.77 3.17 -28.73
CA GLY A 71 -3.51 4.13 -29.80
C GLY A 71 -3.33 3.48 -31.15
N ASP A 72 -2.69 2.30 -31.18
CA ASP A 72 -2.53 1.59 -32.44
C ASP A 72 -3.87 1.21 -33.04
N LYS A 73 -4.74 0.59 -32.23
CA LYS A 73 -6.07 0.23 -32.73
C LYS A 73 -6.89 1.45 -33.07
N LEU A 74 -6.65 2.59 -32.40
CA LEU A 74 -7.41 3.80 -32.68
C LEU A 74 -7.12 4.34 -34.07
N CYS A 75 -5.90 4.13 -34.57
CA CYS A 75 -5.54 4.54 -35.92
C CYS A 75 -5.73 3.43 -36.95
N THR A 76 -6.19 2.26 -36.50
CA THR A 76 -6.58 1.22 -37.44
C THR A 76 -7.85 1.62 -38.19
N VAL A 77 -8.70 2.45 -37.58
CA VAL A 77 -9.94 2.88 -38.21
C VAL A 77 -9.61 3.63 -39.48
N ALA A 78 -10.15 3.16 -40.61
CA ALA A 78 -9.83 3.76 -41.90
C ALA A 78 -10.45 5.14 -42.05
N THR A 79 -11.62 5.36 -41.45
CA THR A 79 -12.30 6.65 -41.51
C THR A 79 -11.84 7.63 -40.43
N LEU A 80 -10.59 7.49 -39.94
CA LEU A 80 -10.11 8.34 -38.87
C LEU A 80 -9.77 9.74 -39.38
N ARG A 81 -9.12 9.83 -40.54
CA ARG A 81 -8.68 11.13 -41.04
C ARG A 81 -9.86 11.96 -41.54
N GLU A 82 -10.79 11.34 -42.27
CA GLU A 82 -11.90 12.10 -42.84
C GLU A 82 -12.85 12.59 -41.75
N THR A 83 -13.13 11.75 -40.75
CA THR A 83 -14.16 12.08 -39.77
C THR A 83 -13.63 13.00 -38.67
N TYR A 84 -12.55 12.57 -38.00
CA TYR A 84 -12.08 13.24 -36.79
C TYR A 84 -10.94 14.22 -37.05
N GLY A 85 -10.39 14.24 -38.25
CA GLY A 85 -9.45 15.27 -38.65
C GLY A 85 -8.12 15.29 -37.91
N GLU A 86 -7.94 16.32 -37.06
CA GLU A 86 -6.66 16.51 -36.37
C GLU A 86 -6.33 15.35 -35.44
N MET A 87 -7.31 14.52 -35.08
CA MET A 87 -7.02 13.36 -34.25
C MET A 87 -6.18 12.34 -35.00
N ALA A 88 -6.31 12.29 -36.32
CA ALA A 88 -5.50 11.36 -37.12
C ALA A 88 -4.12 11.92 -37.41
N ASP A 89 -3.99 13.24 -37.56
CA ASP A 89 -2.68 13.85 -37.75
C ASP A 89 -1.77 13.68 -36.54
N CYS A 90 -2.32 13.27 -35.40
CA CYS A 90 -1.54 13.02 -34.20
C CYS A 90 -1.01 11.59 -34.11
N CYS A 91 -1.49 10.68 -34.97
CA CYS A 91 -1.01 9.32 -34.90
C CYS A 91 0.39 9.16 -35.49
N ALA A 92 0.95 10.21 -36.07
CA ALA A 92 2.35 10.24 -36.46
C ALA A 92 3.27 10.63 -35.31
N LYS A 93 2.77 10.63 -34.08
CA LYS A 93 3.56 10.97 -32.90
C LYS A 93 3.88 9.70 -32.10
N GLN A 94 4.85 9.83 -31.20
CA GLN A 94 5.31 8.70 -30.41
C GLN A 94 4.32 8.41 -29.27
N GLU A 95 4.36 7.16 -28.82
CA GLU A 95 3.38 6.68 -27.83
C GLU A 95 3.17 7.58 -26.63
N PRO A 96 4.21 8.15 -25.99
CA PRO A 96 3.93 9.07 -24.86
C PRO A 96 3.23 10.35 -25.29
N GLU A 97 3.65 10.95 -26.41
CA GLU A 97 3.02 12.17 -26.90
C GLU A 97 1.73 11.91 -27.65
N ARG A 98 1.50 10.68 -28.11
CA ARG A 98 0.31 10.38 -28.90
C ARG A 98 -0.95 10.35 -28.03
N ASN A 99 -0.85 9.74 -26.85
CA ASN A 99 -2.02 9.69 -25.97
C ASN A 99 -2.36 11.04 -25.36
N GLU A 100 -1.37 11.95 -25.28
CA GLU A 100 -1.66 13.29 -24.80
C GLU A 100 -2.52 14.07 -25.80
N CYS A 101 -2.19 13.98 -27.09
CA CYS A 101 -3.00 14.68 -28.09
C CYS A 101 -4.41 14.10 -28.17
N PHE A 102 -4.55 12.78 -28.02
CA PHE A 102 -5.86 12.17 -28.05
C PHE A 102 -6.76 12.72 -26.95
N LEU A 103 -6.17 13.12 -25.83
CA LEU A 103 -6.93 13.75 -24.75
C LEU A 103 -7.33 15.18 -25.08
N GLN A 104 -6.50 15.88 -25.85
CA GLN A 104 -6.78 17.26 -26.21
C GLN A 104 -7.74 17.40 -27.39
N HIS A 105 -8.14 16.28 -28.00
CA HIS A 105 -9.08 16.28 -29.12
C HIS A 105 -10.36 15.53 -28.76
N LYS A 106 -10.82 15.71 -27.52
CA LYS A 106 -12.08 15.14 -27.06
C LYS A 106 -13.06 16.27 -26.80
N ASP A 107 -14.17 16.27 -27.56
CA ASP A 107 -15.18 17.31 -27.46
C ASP A 107 -16.12 16.99 -26.31
N ASP A 108 -16.22 17.90 -25.34
CA ASP A 108 -17.07 17.66 -24.18
C ASP A 108 -18.56 17.72 -24.55
N ASN A 109 -18.93 18.61 -25.48
CA ASN A 109 -20.30 18.75 -25.95
C ASN A 109 -20.36 18.45 -27.44
N PRO A 110 -20.37 17.18 -27.83
CA PRO A 110 -20.50 16.84 -29.25
C PRO A 110 -21.90 17.15 -29.75
N ASN A 111 -21.98 17.61 -30.99
CA ASN A 111 -23.25 18.03 -31.58
C ASN A 111 -23.99 16.80 -32.11
N LEU A 112 -24.48 16.00 -31.16
CA LEU A 112 -25.24 14.78 -31.40
C LEU A 112 -26.71 15.00 -31.10
N PRO A 113 -27.61 14.28 -31.77
CA PRO A 113 -29.04 14.46 -31.52
C PRO A 113 -29.41 14.04 -30.10
N ARG A 114 -30.47 14.68 -29.58
CA ARG A 114 -30.94 14.35 -28.25
C ARG A 114 -31.48 12.93 -28.20
N LEU A 115 -31.17 12.22 -27.12
CA LEU A 115 -31.66 10.85 -26.95
C LEU A 115 -33.14 10.88 -26.59
N VAL A 116 -33.93 10.10 -27.32
CA VAL A 116 -35.37 10.00 -27.10
C VAL A 116 -35.67 8.62 -26.53
N ARG A 117 -36.44 8.59 -25.44
CA ARG A 117 -36.82 7.33 -24.82
C ARG A 117 -37.96 6.69 -25.59
N PRO A 118 -37.79 5.49 -26.14
CA PRO A 118 -38.90 4.81 -26.83
C PRO A 118 -39.99 4.37 -25.86
N GLU A 119 -41.04 3.73 -26.40
CA GLU A 119 -42.13 3.26 -25.56
C GLU A 119 -41.67 2.10 -24.69
N VAL A 120 -42.30 1.98 -23.51
CA VAL A 120 -41.92 0.95 -22.55
C VAL A 120 -42.04 -0.45 -23.18
N ASP A 121 -43.09 -0.67 -23.97
CA ASP A 121 -43.23 -1.96 -24.62
C ASP A 121 -42.15 -2.19 -25.67
N VAL A 122 -41.61 -1.10 -26.25
CA VAL A 122 -40.55 -1.24 -27.24
C VAL A 122 -39.24 -1.60 -26.55
N MET A 123 -38.96 -1.01 -25.39
CA MET A 123 -37.72 -1.30 -24.68
C MET A 123 -37.73 -2.70 -24.10
N CYS A 124 -38.80 -3.07 -23.39
CA CYS A 124 -38.89 -4.40 -22.81
C CYS A 124 -38.80 -5.49 -23.88
N THR A 125 -39.24 -5.19 -25.10
CA THR A 125 -39.09 -6.16 -26.19
C THR A 125 -37.64 -6.27 -26.64
N ALA A 126 -36.96 -5.12 -26.79
CA ALA A 126 -35.55 -5.15 -27.13
C ALA A 126 -34.72 -5.75 -26.00
N PHE A 127 -35.17 -5.57 -24.76
CA PHE A 127 -34.48 -6.17 -23.61
C PHE A 127 -34.62 -7.70 -23.62
N HIS A 128 -35.68 -8.22 -24.21
CA HIS A 128 -35.91 -9.67 -24.26
C HIS A 128 -35.28 -10.30 -25.51
N ASP A 129 -35.44 -9.67 -26.67
CA ASP A 129 -34.96 -10.26 -27.90
C ASP A 129 -33.44 -10.41 -27.90
N ASN A 130 -32.73 -9.35 -27.48
CA ASN A 130 -31.27 -9.41 -27.42
C ASN A 130 -30.83 -8.42 -26.32
N GLU A 131 -30.66 -8.94 -25.10
CA GLU A 131 -30.27 -8.10 -23.97
C GLU A 131 -28.86 -7.57 -24.12
N GLU A 132 -27.98 -8.32 -24.78
CA GLU A 132 -26.59 -7.89 -24.92
C GLU A 132 -26.49 -6.57 -25.69
N THR A 133 -27.08 -6.53 -26.89
CA THR A 133 -26.99 -5.33 -27.71
C THR A 133 -27.83 -4.18 -27.15
N PHE A 134 -28.81 -4.48 -26.30
CA PHE A 134 -29.64 -3.43 -25.73
C PHE A 134 -28.91 -2.69 -24.61
N LEU A 135 -28.28 -3.44 -23.71
CA LEU A 135 -27.55 -2.82 -22.61
C LEU A 135 -26.24 -2.21 -23.08
N LYS A 136 -25.60 -2.79 -24.10
CA LYS A 136 -24.37 -2.21 -24.62
C LYS A 136 -24.63 -0.88 -25.32
N LYS A 137 -25.84 -0.69 -25.87
CA LYS A 137 -26.20 0.59 -26.43
C LYS A 137 -26.34 1.67 -25.36
N TYR A 138 -26.65 1.28 -24.13
CA TYR A 138 -26.74 2.26 -23.04
C TYR A 138 -25.37 2.88 -22.77
N LEU A 139 -24.34 2.05 -22.65
CA LEU A 139 -23.00 2.58 -22.42
C LEU A 139 -22.48 3.36 -23.62
N TYR A 140 -22.84 2.92 -24.83
CA TYR A 140 -22.36 3.56 -26.04
C TYR A 140 -22.86 5.00 -26.13
N GLU A 141 -24.17 5.21 -25.99
CA GLU A 141 -24.73 6.54 -26.18
C GLU A 141 -24.22 7.51 -25.13
N ILE A 142 -24.07 7.04 -23.88
CA ILE A 142 -23.69 7.95 -22.81
C ILE A 142 -22.21 8.32 -22.90
N ALA A 143 -21.35 7.34 -23.16
CA ALA A 143 -19.91 7.60 -23.19
C ALA A 143 -19.54 8.57 -24.31
N ARG A 144 -20.15 8.41 -25.49
CA ARG A 144 -19.85 9.30 -26.61
C ARG A 144 -20.32 10.72 -26.34
N ARG A 145 -21.33 10.91 -25.50
CA ARG A 145 -21.80 12.24 -25.13
C ARG A 145 -21.23 12.73 -23.81
N HIS A 146 -20.57 11.87 -23.05
CA HIS A 146 -19.92 12.24 -21.78
C HIS A 146 -18.52 11.64 -21.78
N PRO A 147 -17.61 12.18 -22.61
CA PRO A 147 -16.31 11.51 -22.81
C PRO A 147 -15.43 11.49 -21.58
N TYR A 148 -15.68 12.34 -20.58
CA TYR A 148 -14.88 12.38 -19.38
C TYR A 148 -15.54 11.64 -18.22
N PHE A 149 -16.65 10.96 -18.47
CA PHE A 149 -17.33 10.21 -17.41
C PHE A 149 -16.48 9.01 -17.01
N TYR A 150 -16.23 8.87 -15.71
CA TYR A 150 -15.44 7.77 -15.18
C TYR A 150 -16.07 6.43 -15.54
N ALA A 151 -15.41 5.67 -16.42
CA ALA A 151 -16.04 4.49 -17.00
C ALA A 151 -16.50 3.46 -15.99
N PRO A 152 -15.77 3.12 -14.93
CA PRO A 152 -16.32 2.19 -13.93
C PRO A 152 -17.63 2.67 -13.31
N GLU A 153 -17.79 3.99 -13.11
CA GLU A 153 -19.07 4.48 -12.58
C GLU A 153 -20.17 4.39 -13.63
N LEU A 154 -19.86 4.75 -14.87
CA LEU A 154 -20.78 4.47 -15.97
C LEU A 154 -21.11 2.99 -16.06
N LEU A 155 -20.16 2.13 -15.68
CA LEU A 155 -20.46 0.70 -15.61
C LEU A 155 -21.33 0.38 -14.40
N PHE A 156 -21.27 1.20 -13.36
CA PHE A 156 -22.15 1.02 -12.20
C PHE A 156 -23.58 1.44 -12.52
N PHE A 157 -23.75 2.51 -13.28
CA PHE A 157 -25.10 2.92 -13.68
C PHE A 157 -25.72 1.89 -14.62
N ALA A 158 -24.93 1.36 -15.57
CA ALA A 158 -25.44 0.36 -16.49
C ALA A 158 -25.90 -0.91 -15.79
N LYS A 159 -25.37 -1.20 -14.60
CA LYS A 159 -25.82 -2.35 -13.84
C LYS A 159 -27.22 -2.13 -13.28
N ARG A 160 -27.43 -0.97 -12.64
CA ARG A 160 -28.77 -0.62 -12.18
C ARG A 160 -29.75 -0.43 -13.35
N TYR A 161 -29.24 -0.15 -14.54
CA TYR A 161 -30.11 -0.02 -15.70
C TYR A 161 -30.77 -1.35 -16.05
N LYS A 162 -30.13 -2.46 -15.71
CA LYS A 162 -30.70 -3.79 -15.90
C LYS A 162 -31.55 -4.26 -14.74
N ALA A 163 -31.54 -3.54 -13.61
CA ALA A 163 -32.38 -3.92 -12.48
C ALA A 163 -33.84 -3.65 -12.76
N ALA A 164 -34.15 -2.44 -13.23
CA ALA A 164 -35.54 -2.10 -13.53
C ALA A 164 -36.06 -2.86 -14.73
N PHE A 165 -35.21 -3.12 -15.73
CA PHE A 165 -35.65 -3.87 -16.90
C PHE A 165 -35.88 -5.34 -16.56
N THR A 166 -35.21 -5.87 -15.54
CA THR A 166 -35.47 -7.23 -15.12
C THR A 166 -36.71 -7.32 -14.24
N GLU A 167 -36.99 -6.27 -13.47
CA GLU A 167 -38.11 -6.27 -12.54
C GLU A 167 -39.39 -5.74 -13.17
N CYS A 168 -39.33 -4.56 -13.80
CA CYS A 168 -40.55 -3.89 -14.24
C CYS A 168 -41.01 -4.35 -15.62
N CYS A 169 -40.17 -5.03 -16.40
CA CYS A 169 -40.63 -5.67 -17.63
C CYS A 169 -41.30 -7.01 -17.38
N GLN A 170 -41.67 -7.29 -16.13
CA GLN A 170 -42.35 -8.54 -15.80
C GLN A 170 -43.53 -8.32 -14.87
N ALA A 171 -44.02 -7.09 -14.73
CA ALA A 171 -45.15 -6.79 -13.87
C ALA A 171 -46.40 -6.57 -14.71
N ALA A 172 -47.49 -6.18 -14.04
CA ALA A 172 -48.75 -5.91 -14.72
C ALA A 172 -48.60 -4.70 -15.64
N ASP A 173 -48.54 -3.51 -15.06
CA ASP A 173 -48.27 -2.29 -15.80
C ASP A 173 -46.76 -2.04 -15.77
N LYS A 174 -46.10 -2.22 -16.91
CA LYS A 174 -44.65 -2.14 -16.96
C LYS A 174 -44.16 -0.72 -16.76
N ALA A 175 -44.88 0.27 -17.30
CA ALA A 175 -44.51 1.66 -17.15
C ALA A 175 -44.83 2.22 -15.77
N ALA A 176 -45.32 1.39 -14.85
CA ALA A 176 -45.62 1.88 -13.51
C ALA A 176 -44.34 2.14 -12.72
N CYS A 177 -43.39 1.21 -12.76
CA CYS A 177 -42.13 1.37 -12.04
C CYS A 177 -40.92 1.51 -12.92
N LEU A 178 -40.98 1.11 -14.20
CA LEU A 178 -39.82 1.24 -15.07
C LEU A 178 -39.48 2.71 -15.31
N LEU A 179 -40.49 3.54 -15.58
CA LEU A 179 -40.22 4.95 -15.88
C LEU A 179 -39.72 5.72 -14.67
N PRO A 180 -40.31 5.61 -13.47
CA PRO A 180 -39.74 6.34 -12.33
C PRO A 180 -38.32 5.92 -12.00
N LYS A 181 -37.97 4.64 -12.16
CA LYS A 181 -36.61 4.20 -11.92
C LYS A 181 -35.67 4.64 -13.04
N LEU A 182 -36.17 4.72 -14.27
CA LEU A 182 -35.34 5.23 -15.36
C LEU A 182 -35.12 6.73 -15.22
N ASP A 183 -36.13 7.46 -14.74
CA ASP A 183 -35.97 8.90 -14.56
C ASP A 183 -35.03 9.21 -13.40
N GLU A 184 -35.10 8.42 -12.32
CA GLU A 184 -34.18 8.60 -11.21
C GLU A 184 -32.74 8.33 -11.64
N LEU A 185 -32.52 7.25 -12.41
CA LEU A 185 -31.17 6.97 -12.89
C LEU A 185 -30.69 8.00 -13.89
N ARG A 186 -31.58 8.51 -14.74
CA ARG A 186 -31.19 9.49 -15.74
C ARG A 186 -30.71 10.78 -15.08
N ASP A 187 -31.36 11.20 -14.01
CA ASP A 187 -30.97 12.44 -13.33
C ASP A 187 -29.70 12.24 -12.51
N GLU A 188 -29.61 11.13 -11.78
CA GLU A 188 -28.40 10.87 -11.00
C GLU A 188 -27.18 10.78 -11.91
N GLY A 189 -27.33 10.18 -13.09
CA GLY A 189 -26.23 10.15 -14.04
C GLY A 189 -25.87 11.52 -14.55
N LYS A 190 -26.86 12.33 -14.92
CA LYS A 190 -26.59 13.70 -15.33
C LYS A 190 -26.02 14.54 -14.19
N ALA A 191 -26.42 14.24 -12.95
CA ALA A 191 -25.87 14.97 -11.81
C ALA A 191 -24.41 14.59 -11.57
N SER A 192 -24.08 13.31 -11.71
CA SER A 192 -22.70 12.87 -11.50
C SER A 192 -21.78 13.44 -12.57
N SER A 193 -22.21 13.42 -13.83
CA SER A 193 -21.40 14.00 -14.90
C SER A 193 -21.18 15.49 -14.69
N ALA A 194 -22.23 16.20 -14.26
CA ALA A 194 -22.10 17.64 -14.04
C ALA A 194 -21.24 17.93 -12.82
N LYS A 195 -21.39 17.15 -11.75
CA LYS A 195 -20.56 17.34 -10.56
C LYS A 195 -19.11 17.02 -10.84
N GLN A 196 -18.84 16.05 -11.71
CA GLN A 196 -17.45 15.69 -12.03
C GLN A 196 -16.75 16.82 -12.77
N ARG A 197 -17.42 17.41 -13.76
CA ARG A 197 -16.84 18.51 -14.50
C ARG A 197 -16.82 19.81 -13.71
N LEU A 198 -17.60 19.89 -12.63
CA LEU A 198 -17.57 21.08 -11.77
C LEU A 198 -16.30 21.12 -10.95
N LYS A 199 -15.93 19.98 -10.32
CA LYS A 199 -14.75 19.95 -9.48
C LYS A 199 -13.48 20.18 -10.29
N CYS A 200 -13.48 19.81 -11.57
CA CYS A 200 -12.27 19.97 -12.38
C CYS A 200 -12.04 21.45 -12.72
N ALA A 201 -13.11 22.17 -13.06
CA ALA A 201 -12.99 23.60 -13.27
C ALA A 201 -12.62 24.33 -11.98
N SER A 202 -12.91 23.74 -10.82
CA SER A 202 -12.51 24.36 -9.57
C SER A 202 -11.00 24.31 -9.38
N LEU A 203 -10.34 23.28 -9.93
CA LEU A 203 -8.89 23.20 -9.85
C LEU A 203 -8.22 24.24 -10.73
N GLN A 204 -8.84 24.59 -11.86
CA GLN A 204 -8.20 25.51 -12.81
C GLN A 204 -8.17 26.93 -12.26
N LYS A 205 -9.34 27.49 -11.93
CA LYS A 205 -9.39 28.89 -11.51
C LYS A 205 -9.05 29.06 -10.03
N PHE A 206 -9.65 28.25 -9.17
CA PHE A 206 -9.51 28.46 -7.73
C PHE A 206 -8.24 27.82 -7.16
N GLY A 207 -7.59 26.92 -7.89
CA GLY A 207 -6.32 26.37 -7.46
C GLY A 207 -6.45 25.15 -6.57
N GLU A 208 -5.30 24.59 -6.20
CA GLU A 208 -5.27 23.37 -5.40
C GLU A 208 -5.57 23.62 -3.93
N ARG A 209 -5.21 24.79 -3.41
CA ARG A 209 -5.44 25.08 -1.99
C ARG A 209 -6.93 25.00 -1.65
N ALA A 210 -7.79 25.53 -2.51
CA ALA A 210 -9.22 25.48 -2.24
C ALA A 210 -9.75 24.05 -2.25
N PHE A 211 -9.27 23.23 -3.21
CA PHE A 211 -9.73 21.84 -3.26
C PHE A 211 -9.25 21.05 -2.05
N LYS A 212 -7.98 21.23 -1.66
CA LYS A 212 -7.45 20.55 -0.49
C LYS A 212 -8.22 20.94 0.78
N ALA A 213 -8.72 22.17 0.83
CA ALA A 213 -9.54 22.58 1.97
C ALA A 213 -10.89 21.85 1.96
N TRP A 214 -11.53 21.78 0.80
CA TRP A 214 -12.77 21.02 0.67
C TRP A 214 -12.57 19.58 1.11
N ALA A 215 -11.48 18.95 0.65
CA ALA A 215 -11.21 17.55 0.98
C ALA A 215 -11.00 17.35 2.47
N VAL A 216 -10.26 18.26 3.12
CA VAL A 216 -10.02 18.16 4.55
C VAL A 216 -11.35 18.09 5.31
N ALA A 217 -12.29 18.96 4.96
CA ALA A 217 -13.58 18.98 5.63
C ALA A 217 -14.37 17.70 5.36
N ARG A 218 -14.46 17.32 4.07
CA ARG A 218 -15.32 16.19 3.71
C ARG A 218 -14.75 14.87 4.22
N LEU A 219 -13.43 14.70 4.15
CA LEU A 219 -12.84 13.46 4.65
C LEU A 219 -12.92 13.37 6.18
N SER A 220 -12.90 14.52 6.86
CA SER A 220 -13.02 14.50 8.32
C SER A 220 -14.45 14.20 8.75
N GLN A 221 -15.44 14.75 8.05
CA GLN A 221 -16.83 14.40 8.31
C GLN A 221 -17.08 12.93 8.02
N ARG A 222 -16.41 12.38 7.02
CA ARG A 222 -16.62 10.99 6.63
C ARG A 222 -15.79 10.03 7.48
N PHE A 223 -14.59 10.45 7.90
CA PHE A 223 -13.68 9.64 8.71
C PHE A 223 -13.37 10.39 10.00
N PRO A 224 -14.34 10.53 10.91
CA PRO A 224 -14.11 11.34 12.10
C PRO A 224 -13.22 10.69 13.14
N LYS A 225 -13.10 9.36 13.16
CA LYS A 225 -12.25 8.66 14.11
C LYS A 225 -10.83 8.47 13.57
N ALA A 226 -10.30 9.45 12.85
CA ALA A 226 -8.96 9.36 12.27
C ALA A 226 -8.15 10.58 12.66
N GLU A 227 -6.84 10.42 12.69
CA GLU A 227 -5.96 11.51 13.11
C GLU A 227 -5.66 12.44 11.94
N PHE A 228 -5.22 13.65 12.29
CA PHE A 228 -4.98 14.67 11.28
C PHE A 228 -3.90 14.28 10.29
N ALA A 229 -2.89 13.52 10.74
CA ALA A 229 -1.87 13.06 9.82
C ALA A 229 -2.46 12.10 8.79
N GLU A 230 -3.41 11.26 9.20
CA GLU A 230 -4.03 10.34 8.27
C GLU A 230 -4.92 11.08 7.28
N VAL A 231 -5.72 12.04 7.77
CA VAL A 231 -6.57 12.84 6.90
C VAL A 231 -5.73 13.66 5.93
N SER A 232 -4.65 14.27 6.42
CA SER A 232 -3.79 15.08 5.55
C SER A 232 -3.14 14.24 4.47
N LYS A 233 -2.81 12.98 4.77
CA LYS A 233 -2.29 12.09 3.74
C LYS A 233 -3.38 11.71 2.75
N LEU A 234 -4.60 11.45 3.24
CA LEU A 234 -5.70 11.12 2.35
C LEU A 234 -6.03 12.30 1.43
N VAL A 235 -5.95 13.52 1.96
CA VAL A 235 -6.21 14.71 1.14
C VAL A 235 -5.15 14.86 0.07
N THR A 236 -3.89 14.55 0.39
CA THR A 236 -2.81 14.70 -0.59
C THR A 236 -2.91 13.66 -1.70
N ASP A 237 -3.27 12.42 -1.35
CA ASP A 237 -3.45 11.40 -2.37
C ASP A 237 -4.70 11.67 -3.21
N LEU A 238 -5.80 12.06 -2.55
CA LEU A 238 -7.03 12.34 -3.28
C LEU A 238 -6.88 13.55 -4.18
N THR A 239 -6.07 14.53 -3.79
CA THR A 239 -5.84 15.70 -4.63
C THR A 239 -5.14 15.30 -5.92
N LYS A 240 -4.14 14.41 -5.83
CA LYS A 240 -3.48 13.93 -7.03
C LYS A 240 -4.43 13.13 -7.91
N VAL A 241 -5.32 12.34 -7.28
CA VAL A 241 -6.32 11.57 -8.02
C VAL A 241 -7.19 12.49 -8.87
N HIS A 242 -7.82 13.48 -8.23
CA HIS A 242 -8.68 14.39 -8.98
C HIS A 242 -7.89 15.19 -10.00
N THR A 243 -6.67 15.60 -9.65
CA THR A 243 -5.86 16.37 -10.58
C THR A 243 -5.60 15.58 -11.87
N GLU A 244 -5.31 14.28 -11.74
CA GLU A 244 -5.05 13.47 -12.93
C GLU A 244 -6.35 13.07 -13.62
N CYS A 245 -7.38 12.72 -12.85
CA CYS A 245 -8.65 12.30 -13.45
C CYS A 245 -9.27 13.41 -14.28
N CYS A 246 -8.97 14.67 -13.97
CA CYS A 246 -9.45 15.78 -14.78
C CYS A 246 -8.63 15.98 -16.03
N HIS A 247 -7.46 15.35 -16.14
CA HIS A 247 -6.66 15.48 -17.35
C HIS A 247 -7.20 14.64 -18.49
N GLY A 248 -7.95 13.59 -18.19
CA GLY A 248 -8.60 12.77 -19.19
C GLY A 248 -8.05 11.36 -19.31
N ASP A 249 -6.82 11.12 -18.87
CA ASP A 249 -6.20 9.81 -18.96
C ASP A 249 -6.96 8.83 -18.07
N LEU A 250 -7.81 8.01 -18.67
CA LEU A 250 -8.63 7.09 -17.91
C LEU A 250 -7.79 6.05 -17.18
N LEU A 251 -6.77 5.50 -17.85
CA LEU A 251 -5.96 4.46 -17.22
C LEU A 251 -5.18 4.99 -16.03
N GLU A 252 -4.55 6.16 -16.19
CA GLU A 252 -3.86 6.78 -15.06
C GLU A 252 -4.84 7.17 -13.95
N CYS A 253 -6.07 7.51 -14.31
CA CYS A 253 -7.09 7.85 -13.31
C CYS A 253 -7.66 6.62 -12.63
N ALA A 254 -7.67 5.47 -13.33
CA ALA A 254 -8.20 4.25 -12.75
C ALA A 254 -7.21 3.61 -11.78
N ASP A 255 -5.91 3.70 -12.08
CA ASP A 255 -4.93 3.09 -11.19
C ASP A 255 -4.71 3.93 -9.94
N ASP A 256 -4.74 5.26 -10.07
CA ASP A 256 -4.62 6.11 -8.90
C ASP A 256 -5.72 5.84 -7.89
N ARG A 257 -6.96 5.71 -8.36
CA ARG A 257 -8.06 5.37 -7.47
C ARG A 257 -7.90 3.97 -6.91
N ALA A 258 -7.32 3.04 -7.67
CA ALA A 258 -7.09 1.70 -7.15
C ALA A 258 -6.02 1.72 -6.07
N ASP A 259 -4.98 2.55 -6.23
CA ASP A 259 -3.94 2.63 -5.22
C ASP A 259 -4.46 3.31 -3.95
N LEU A 260 -5.25 4.38 -4.10
CA LEU A 260 -5.83 5.03 -2.94
C LEU A 260 -6.75 4.07 -2.17
N ALA A 261 -7.59 3.34 -2.89
CA ALA A 261 -8.47 2.37 -2.24
C ALA A 261 -7.67 1.27 -1.55
N LYS A 262 -6.50 0.91 -2.09
CA LYS A 262 -5.64 -0.06 -1.42
C LYS A 262 -5.21 0.46 -0.05
N TYR A 263 -4.69 1.68 0.00
CA TYR A 263 -4.22 2.23 1.27
C TYR A 263 -5.34 2.35 2.27
N ILE A 264 -6.52 2.79 1.83
CA ILE A 264 -7.64 2.98 2.74
C ILE A 264 -8.11 1.65 3.31
N CYS A 265 -8.12 0.60 2.48
CA CYS A 265 -8.52 -0.72 2.96
C CYS A 265 -7.43 -1.40 3.77
N GLU A 266 -6.17 -0.99 3.62
CA GLU A 266 -5.10 -1.54 4.45
C GLU A 266 -5.00 -0.83 5.79
N ASN A 267 -5.43 0.43 5.86
CA ASN A 267 -5.38 1.20 7.09
C ASN A 267 -6.78 1.49 7.60
N GLN A 268 -7.66 0.47 7.62
CA GLN A 268 -9.04 0.69 8.03
C GLN A 268 -9.14 1.12 9.49
N ASP A 269 -8.41 0.43 10.37
CA ASP A 269 -8.44 0.75 11.79
C ASP A 269 -7.92 2.16 12.09
N SER A 270 -7.25 2.79 11.13
CA SER A 270 -6.81 4.17 11.27
C SER A 270 -7.66 5.15 10.47
N ILE A 271 -8.70 4.66 9.79
CA ILE A 271 -9.53 5.52 8.94
C ILE A 271 -10.95 5.54 9.46
N SER A 272 -11.67 4.43 9.29
CA SER A 272 -13.06 4.34 9.70
C SER A 272 -13.43 2.87 9.86
N SER A 273 -14.60 2.64 10.47
CA SER A 273 -15.13 1.29 10.63
C SER A 273 -16.26 0.96 9.68
N LYS A 274 -16.88 1.97 9.06
CA LYS A 274 -17.98 1.71 8.14
C LYS A 274 -17.49 1.17 6.81
N LEU A 275 -16.20 1.23 6.53
CA LEU A 275 -15.61 0.77 5.28
C LEU A 275 -15.25 -0.70 5.30
N LYS A 276 -15.88 -1.49 6.19
CA LYS A 276 -15.51 -2.90 6.34
C LYS A 276 -16.07 -3.76 5.22
N GLU A 277 -17.27 -3.43 4.72
CA GLU A 277 -17.90 -4.30 3.73
C GLU A 277 -17.34 -4.05 2.33
N CYS A 278 -17.18 -2.79 1.95
CA CYS A 278 -16.84 -2.46 0.57
C CYS A 278 -15.40 -2.81 0.20
N CYS A 279 -14.55 -3.10 1.17
CA CYS A 279 -13.21 -3.56 0.82
C CYS A 279 -13.24 -5.02 0.37
N GLU A 280 -14.34 -5.73 0.63
CA GLU A 280 -14.56 -7.06 0.09
C GLU A 280 -15.15 -7.04 -1.31
N LYS A 281 -15.70 -5.90 -1.75
CA LYS A 281 -16.21 -5.78 -3.10
C LYS A 281 -15.06 -5.85 -4.10
N PRO A 282 -15.36 -6.20 -5.36
CA PRO A 282 -14.28 -6.32 -6.35
C PRO A 282 -13.57 -4.99 -6.59
N LEU A 283 -12.40 -5.08 -7.23
CA LEU A 283 -11.57 -3.90 -7.43
C LEU A 283 -12.29 -2.81 -8.21
N LEU A 284 -13.19 -3.20 -9.11
CA LEU A 284 -13.91 -2.19 -9.89
C LEU A 284 -14.84 -1.37 -9.01
N GLU A 285 -15.32 -1.92 -7.90
CA GLU A 285 -16.31 -1.27 -7.06
C GLU A 285 -15.73 -0.64 -5.80
N LYS A 286 -14.44 -0.88 -5.50
CA LYS A 286 -13.87 -0.39 -4.24
C LYS A 286 -13.88 1.13 -4.18
N SER A 287 -13.20 1.78 -5.13
CA SER A 287 -13.07 3.23 -5.08
C SER A 287 -14.41 3.93 -5.21
N HIS A 288 -15.37 3.33 -5.93
CA HIS A 288 -16.66 3.96 -6.11
C HIS A 288 -17.46 3.99 -4.81
N CYS A 289 -17.51 2.85 -4.11
CA CYS A 289 -18.28 2.80 -2.87
C CYS A 289 -17.65 3.65 -1.78
N ILE A 290 -16.32 3.61 -1.67
CA ILE A 290 -15.62 4.40 -0.65
C ILE A 290 -15.99 5.87 -0.74
N ALA A 291 -16.25 6.37 -1.95
CA ALA A 291 -16.66 7.77 -2.07
C ALA A 291 -18.07 8.00 -1.55
N GLU A 292 -18.90 6.95 -1.55
CA GLU A 292 -20.28 7.02 -1.11
C GLU A 292 -20.49 6.33 0.23
N VAL A 293 -19.42 6.04 0.97
CA VAL A 293 -19.56 5.32 2.22
C VAL A 293 -20.19 6.23 3.28
N GLU A 294 -20.93 5.62 4.21
CA GLU A 294 -21.60 6.38 5.25
C GLU A 294 -20.59 6.93 6.24
N ASN A 295 -20.91 8.09 6.81
CA ASN A 295 -20.05 8.71 7.80
C ASN A 295 -20.01 7.87 9.08
N ASP A 296 -18.81 7.70 9.63
CA ASP A 296 -18.64 6.93 10.85
C ASP A 296 -19.08 7.74 12.07
N GLU A 297 -19.29 7.03 13.17
CA GLU A 297 -19.66 7.68 14.42
C GLU A 297 -18.44 8.43 14.98
N MET A 298 -18.62 9.73 15.24
CA MET A 298 -17.52 10.53 15.75
C MET A 298 -17.09 10.03 17.13
N PRO A 299 -15.84 10.30 17.52
CA PRO A 299 -15.41 9.96 18.88
C PRO A 299 -16.31 10.62 19.92
N ALA A 300 -16.50 9.91 21.03
CA ALA A 300 -17.53 10.29 22.00
C ALA A 300 -17.22 11.62 22.65
N ASP A 301 -16.02 11.75 23.23
CA ASP A 301 -15.69 12.88 24.08
C ASP A 301 -14.63 13.75 23.39
N LEU A 302 -15.05 14.42 22.33
CA LEU A 302 -14.20 15.45 21.74
C LEU A 302 -14.36 16.75 22.51
N PRO A 303 -13.27 17.36 22.97
CA PRO A 303 -13.40 18.59 23.76
C PRO A 303 -13.75 19.79 22.90
N SER A 304 -13.92 20.95 23.54
CA SER A 304 -14.19 22.17 22.81
C SER A 304 -12.96 22.59 22.00
N LEU A 305 -13.21 23.16 20.83
CA LEU A 305 -12.13 23.65 19.97
C LEU A 305 -11.57 24.99 20.44
N ALA A 306 -11.98 25.47 21.61
CA ALA A 306 -11.46 26.73 22.13
C ALA A 306 -10.13 26.57 22.85
N ALA A 307 -9.84 25.37 23.37
CA ALA A 307 -8.60 25.15 24.10
C ALA A 307 -7.39 25.29 23.17
N ASP A 308 -7.41 24.60 22.03
CA ASP A 308 -6.27 24.63 21.11
C ASP A 308 -6.31 25.80 20.15
N PHE A 309 -7.39 26.58 20.10
CA PHE A 309 -7.53 27.63 19.10
C PHE A 309 -8.00 28.96 19.65
N VAL A 310 -8.21 29.09 20.96
CA VAL A 310 -8.63 30.36 21.54
C VAL A 310 -7.95 30.56 22.88
N GLU A 311 -7.86 29.49 23.68
CA GLU A 311 -7.29 29.56 25.02
C GLU A 311 -5.84 29.09 25.03
N SER A 312 -4.99 29.82 24.31
CA SER A 312 -3.58 29.48 24.21
C SER A 312 -2.82 30.67 23.65
N LYS A 313 -1.57 30.81 24.10
CA LYS A 313 -0.68 31.85 23.60
C LYS A 313 0.19 31.37 22.44
N ASP A 314 0.23 30.06 22.18
CA ASP A 314 0.99 29.53 21.05
C ASP A 314 0.19 29.53 19.76
N VAL A 315 -1.13 29.73 19.83
CA VAL A 315 -1.94 29.80 18.62
C VAL A 315 -1.38 30.86 17.68
N CYS A 316 -1.16 32.07 18.21
CA CYS A 316 -0.63 33.15 17.37
C CYS A 316 0.73 32.79 16.77
N LYS A 317 1.48 31.90 17.44
CA LYS A 317 2.77 31.46 16.95
C LYS A 317 2.68 30.19 16.10
N ASN A 318 1.89 29.20 16.56
CA ASN A 318 1.72 27.98 15.79
C ASN A 318 1.08 28.26 14.43
N TYR A 319 0.27 29.31 14.35
CA TYR A 319 -0.26 29.73 13.07
C TYR A 319 0.84 30.22 12.15
N ALA A 320 1.79 31.00 12.69
CA ALA A 320 2.86 31.55 11.88
C ALA A 320 3.80 30.48 11.36
N GLU A 321 3.98 29.39 12.11
CA GLU A 321 4.88 28.32 11.67
C GLU A 321 4.41 27.71 10.36
N ALA A 322 3.10 27.45 10.24
CA ALA A 322 2.52 26.90 9.03
C ALA A 322 1.03 27.25 9.05
N LYS A 323 0.68 28.34 8.36
CA LYS A 323 -0.70 28.84 8.43
C LYS A 323 -1.69 27.81 7.89
N ASP A 324 -1.40 27.25 6.71
CA ASP A 324 -2.33 26.31 6.10
C ASP A 324 -2.41 24.99 6.86
N VAL A 325 -1.31 24.59 7.51
CA VAL A 325 -1.36 23.39 8.35
C VAL A 325 -2.19 23.65 9.60
N PHE A 326 -2.03 24.84 10.19
CA PHE A 326 -2.82 25.19 11.37
C PHE A 326 -4.30 25.35 11.00
N LEU A 327 -4.58 26.09 9.93
CA LEU A 327 -5.96 26.24 9.48
C LEU A 327 -6.59 24.90 9.12
N GLY A 328 -5.79 23.97 8.56
CA GLY A 328 -6.30 22.64 8.28
C GLY A 328 -6.61 21.83 9.52
N MET A 329 -5.84 22.06 10.59
CA MET A 329 -6.14 21.40 11.86
C MET A 329 -7.45 21.92 12.45
N PHE A 330 -7.66 23.23 12.39
CA PHE A 330 -8.94 23.79 12.85
C PHE A 330 -10.09 23.22 12.03
N LEU A 331 -9.94 23.18 10.71
CA LEU A 331 -11.01 22.66 9.85
C LEU A 331 -11.29 21.20 10.14
N TYR A 332 -10.24 20.39 10.28
CA TYR A 332 -10.41 18.97 10.60
C TYR A 332 -11.16 18.78 11.90
N GLU A 333 -10.83 19.59 12.92
CA GLU A 333 -11.50 19.45 14.22
C GLU A 333 -12.92 19.97 14.20
N TYR A 334 -13.19 21.05 13.46
CA TYR A 334 -14.54 21.56 13.35
C TYR A 334 -15.42 20.67 12.47
N ALA A 335 -14.84 20.04 11.45
CA ALA A 335 -15.64 19.25 10.53
C ALA A 335 -16.00 17.89 11.13
N ARG A 336 -15.03 17.22 11.76
CA ARG A 336 -15.28 15.92 12.36
C ARG A 336 -16.29 16.00 13.51
N ARG A 337 -16.40 17.16 14.15
CA ARG A 337 -17.37 17.28 15.23
C ARG A 337 -18.76 17.63 14.72
N HIS A 338 -18.86 18.18 13.52
CA HIS A 338 -20.13 18.64 12.95
C HIS A 338 -20.28 18.07 11.54
N PRO A 339 -20.66 16.80 11.42
CA PRO A 339 -20.97 16.24 10.09
C PRO A 339 -22.26 16.78 9.51
N ASP A 340 -23.11 17.40 10.32
CA ASP A 340 -24.38 17.93 9.86
C ASP A 340 -24.23 19.25 9.10
N TYR A 341 -23.05 19.83 9.08
CA TYR A 341 -22.83 21.08 8.35
C TYR A 341 -22.49 20.79 6.90
N SER A 342 -22.71 21.80 6.05
CA SER A 342 -22.26 21.71 4.68
C SER A 342 -20.75 21.94 4.62
N VAL A 343 -20.13 21.42 3.56
CA VAL A 343 -18.68 21.58 3.43
C VAL A 343 -18.33 23.04 3.19
N VAL A 344 -19.15 23.76 2.43
CA VAL A 344 -18.88 25.17 2.19
C VAL A 344 -19.07 26.00 3.46
N LEU A 345 -19.92 25.54 4.38
CA LEU A 345 -20.10 26.26 5.63
C LEU A 345 -18.84 26.21 6.48
N LEU A 346 -18.26 25.01 6.63
CA LEU A 346 -17.01 24.88 7.36
C LEU A 346 -15.91 25.72 6.71
N LEU A 347 -15.91 25.83 5.39
CA LEU A 347 -14.96 26.70 4.70
C LEU A 347 -15.25 28.17 4.97
N ARG A 348 -16.53 28.53 5.13
CA ARG A 348 -16.88 29.90 5.46
C ARG A 348 -16.49 30.26 6.89
N LEU A 349 -16.45 29.26 7.78
CA LEU A 349 -16.00 29.49 9.14
C LEU A 349 -14.47 29.59 9.21
N ALA A 350 -13.76 28.71 8.52
CA ALA A 350 -12.31 28.70 8.58
C ALA A 350 -11.71 29.96 7.97
N LYS A 351 -12.38 30.56 6.98
CA LYS A 351 -11.85 31.78 6.38
C LYS A 351 -11.94 32.95 7.34
N THR A 352 -13.04 33.06 8.09
CA THR A 352 -13.13 34.13 9.08
C THR A 352 -12.10 33.93 10.19
N TYR A 353 -11.89 32.69 10.61
CA TYR A 353 -10.81 32.40 11.55
C TYR A 353 -9.45 32.73 10.95
N GLU A 354 -9.30 32.57 9.63
CA GLU A 354 -8.08 33.01 8.96
C GLU A 354 -8.00 34.52 8.93
N THR A 355 -9.05 35.18 8.42
CA THR A 355 -9.06 36.63 8.37
C THR A 355 -8.85 37.26 9.74
N THR A 356 -9.31 36.59 10.79
CA THR A 356 -9.08 37.06 12.16
C THR A 356 -7.58 37.10 12.45
N LEU A 357 -6.97 35.93 12.64
CA LEU A 357 -5.59 35.82 13.09
C LEU A 357 -4.61 36.69 12.29
N GLU A 358 -4.92 36.99 11.03
CA GLU A 358 -4.03 37.84 10.23
C GLU A 358 -3.89 39.22 10.85
N LYS A 359 -5.01 39.93 10.99
CA LYS A 359 -4.98 41.25 11.62
C LYS A 359 -5.00 41.15 13.13
N CYS A 360 -5.60 40.10 13.67
CA CYS A 360 -5.80 39.93 15.10
C CYS A 360 -4.50 39.67 15.83
N CYS A 361 -3.92 38.49 15.59
CA CYS A 361 -2.70 38.02 16.24
C CYS A 361 -1.47 38.84 15.87
N ALA A 362 -1.52 39.65 14.82
CA ALA A 362 -0.39 40.50 14.46
C ALA A 362 -0.56 41.93 14.96
N ALA A 363 -1.06 42.12 16.17
CA ALA A 363 -1.22 43.45 16.73
C ALA A 363 -1.50 43.36 18.22
N ALA A 364 -0.94 44.30 18.98
CA ALA A 364 -1.30 44.57 20.38
C ALA A 364 -1.43 43.31 21.23
N ASP A 365 -2.61 43.13 21.82
CA ASP A 365 -2.91 41.96 22.65
C ASP A 365 -3.68 40.94 21.81
N PRO A 366 -3.04 39.87 21.34
CA PRO A 366 -3.73 38.91 20.47
C PRO A 366 -4.86 38.18 21.16
N HIS A 367 -4.61 37.64 22.35
CA HIS A 367 -5.64 36.88 23.05
C HIS A 367 -6.86 37.75 23.36
N GLU A 368 -6.67 39.05 23.55
CA GLU A 368 -7.80 39.93 23.79
C GLU A 368 -8.65 40.13 22.55
N CYS A 369 -8.10 39.85 21.36
CA CYS A 369 -8.83 40.12 20.13
C CYS A 369 -9.62 38.90 19.64
N TYR A 370 -8.98 37.74 19.52
CA TYR A 370 -9.65 36.54 19.04
C TYR A 370 -10.32 35.76 20.16
N ALA A 371 -10.52 36.38 21.33
CA ALA A 371 -11.28 35.74 22.39
C ALA A 371 -12.73 35.52 21.98
N LYS A 372 -13.28 36.42 21.16
CA LYS A 372 -14.65 36.31 20.71
C LYS A 372 -14.73 36.00 19.23
N VAL A 373 -13.91 35.03 18.77
CA VAL A 373 -13.95 34.66 17.36
C VAL A 373 -15.07 33.65 17.10
N PHE A 374 -15.34 32.76 18.05
CA PHE A 374 -16.41 31.78 17.90
C PHE A 374 -17.79 32.44 17.91
N ASP A 375 -17.91 33.68 18.41
CA ASP A 375 -19.17 34.39 18.30
C ASP A 375 -19.49 34.76 16.85
N GLU A 376 -18.46 34.99 16.03
CA GLU A 376 -18.68 35.31 14.63
C GLU A 376 -19.23 34.11 13.86
N PHE A 377 -19.05 32.90 14.39
CA PHE A 377 -19.57 31.70 13.73
C PHE A 377 -21.08 31.57 13.88
N LYS A 378 -21.68 32.28 14.82
CA LYS A 378 -23.12 32.17 15.03
C LYS A 378 -23.93 32.63 13.83
N PRO A 379 -23.76 33.86 13.31
CA PRO A 379 -24.61 34.26 12.17
C PRO A 379 -24.38 33.45 10.91
N LEU A 380 -23.18 32.89 10.73
CA LEU A 380 -22.90 32.11 9.52
C LEU A 380 -23.46 30.70 9.59
N VAL A 381 -23.50 30.10 10.78
CA VAL A 381 -24.02 28.74 10.92
C VAL A 381 -25.55 28.73 10.86
N GLU A 382 -26.19 29.69 11.51
CA GLU A 382 -27.65 29.72 11.58
C GLU A 382 -28.30 30.23 10.30
N GLU A 383 -27.56 30.95 9.46
CA GLU A 383 -28.14 31.49 8.23
C GLU A 383 -28.65 30.40 7.30
N PRO A 384 -27.90 29.33 7.01
CA PRO A 384 -28.49 28.24 6.22
C PRO A 384 -29.38 27.31 7.02
N GLN A 385 -29.30 27.33 8.36
CA GLN A 385 -30.19 26.52 9.17
C GLN A 385 -31.60 27.09 9.19
N ASN A 386 -31.71 28.42 9.18
CA ASN A 386 -33.02 29.05 9.13
C ASN A 386 -33.60 29.05 7.73
N LEU A 387 -32.76 29.16 6.70
CA LEU A 387 -33.26 29.05 5.34
C LEU A 387 -33.79 27.65 5.04
N ILE A 388 -33.26 26.64 5.74
CA ILE A 388 -33.79 25.29 5.57
C ILE A 388 -35.15 25.15 6.25
N LYS A 389 -35.26 25.64 7.48
CA LYS A 389 -36.54 25.58 8.19
C LYS A 389 -37.60 26.44 7.51
N GLN A 390 -37.19 27.52 6.86
CA GLN A 390 -38.16 28.37 6.16
C GLN A 390 -38.72 27.67 4.93
N ASN A 391 -37.85 27.14 4.08
CA ASN A 391 -38.28 26.57 2.82
C ASN A 391 -38.93 25.20 3.00
N CYS A 392 -38.40 24.37 3.90
CA CYS A 392 -39.00 23.05 4.11
C CYS A 392 -40.37 23.16 4.76
N GLU A 393 -40.58 24.17 5.60
CA GLU A 393 -41.91 24.37 6.18
C GLU A 393 -42.90 24.84 5.12
N LEU A 394 -42.45 25.69 4.20
CA LEU A 394 -43.28 26.10 3.08
C LEU A 394 -43.56 24.93 2.14
N PHE A 395 -42.62 23.99 2.01
CA PHE A 395 -42.83 22.81 1.20
C PHE A 395 -43.83 21.86 1.85
N GLU A 396 -43.79 21.75 3.19
CA GLU A 396 -44.71 20.86 3.88
C GLU A 396 -46.13 21.39 3.86
N GLN A 397 -46.31 22.68 4.11
CA GLN A 397 -47.64 23.27 4.08
C GLN A 397 -48.21 23.23 2.66
N LEU A 398 -47.38 23.49 1.66
CA LEU A 398 -47.80 23.40 0.27
C LEU A 398 -47.44 22.01 -0.27
N GLY A 399 -47.27 21.91 -1.58
CA GLY A 399 -46.76 20.70 -2.21
C GLY A 399 -45.61 21.05 -3.14
N GLU A 400 -45.04 20.00 -3.73
CA GLU A 400 -43.95 20.20 -4.67
C GLU A 400 -44.36 21.13 -5.80
N TYR A 401 -45.58 20.96 -6.32
CA TYR A 401 -46.07 21.84 -7.39
C TYR A 401 -46.23 23.26 -6.88
N LYS A 402 -46.94 23.44 -5.76
CA LYS A 402 -47.19 24.78 -5.25
C LYS A 402 -45.91 25.44 -4.75
N PHE A 403 -44.98 24.66 -4.22
CA PHE A 403 -43.71 25.23 -3.77
C PHE A 403 -42.92 25.79 -4.96
N GLN A 404 -42.83 25.02 -6.05
CA GLN A 404 -42.17 25.51 -7.25
C GLN A 404 -42.81 26.79 -7.75
N ASN A 405 -44.14 26.82 -7.83
CA ASN A 405 -44.84 28.03 -8.25
C ASN A 405 -44.61 29.17 -7.27
N ALA A 406 -44.50 28.86 -5.97
CA ALA A 406 -44.13 29.88 -5.00
C ALA A 406 -42.73 30.40 -5.27
N LEU A 407 -41.80 29.50 -5.60
CA LEU A 407 -40.44 29.92 -5.93
C LEU A 407 -40.36 30.53 -7.31
N LEU A 408 -41.24 30.12 -8.23
CA LEU A 408 -41.21 30.65 -9.58
C LEU A 408 -41.50 32.14 -9.61
N VAL A 409 -42.29 32.63 -8.66
CA VAL A 409 -42.61 34.05 -8.61
C VAL A 409 -41.57 34.84 -7.83
N ARG A 410 -40.99 34.25 -6.79
CA ARG A 410 -39.97 34.96 -6.01
C ARG A 410 -38.72 35.23 -6.84
N TYR A 411 -38.29 34.23 -7.62
CA TYR A 411 -37.05 34.38 -8.38
C TYR A 411 -37.25 35.14 -9.68
N THR A 412 -38.46 35.11 -10.25
CA THR A 412 -38.74 35.95 -11.41
C THR A 412 -38.67 37.42 -11.04
N LYS A 413 -39.22 37.79 -9.87
CA LYS A 413 -39.19 39.18 -9.44
C LYS A 413 -37.79 39.63 -9.06
N LYS A 414 -36.95 38.72 -8.56
CA LYS A 414 -35.59 39.09 -8.20
C LYS A 414 -34.73 39.31 -9.44
N VAL A 415 -34.78 38.38 -10.39
CA VAL A 415 -34.03 38.49 -11.64
C VAL A 415 -34.99 38.33 -12.81
N PRO A 416 -35.71 39.38 -13.21
CA PRO A 416 -36.63 39.25 -14.35
C PRO A 416 -35.95 39.24 -15.70
N GLN A 417 -34.69 39.68 -15.79
CA GLN A 417 -33.98 39.69 -17.06
C GLN A 417 -33.67 38.29 -17.58
N VAL A 418 -33.78 37.25 -16.73
CA VAL A 418 -33.47 35.91 -17.17
C VAL A 418 -34.57 35.38 -18.08
N SER A 419 -34.19 34.50 -18.99
CA SER A 419 -35.13 33.95 -19.96
C SER A 419 -36.21 33.13 -19.26
N THR A 420 -37.38 33.06 -19.90
CA THR A 420 -38.50 32.34 -19.29
C THR A 420 -38.24 30.85 -19.17
N PRO A 421 -37.78 30.13 -20.19
CA PRO A 421 -37.49 28.70 -19.99
C PRO A 421 -36.39 28.44 -18.97
N THR A 422 -35.45 29.38 -18.81
CA THR A 422 -34.44 29.22 -17.76
C THR A 422 -35.04 29.41 -16.37
N LEU A 423 -35.92 30.40 -16.22
CA LEU A 423 -36.60 30.60 -14.94
C LEU A 423 -37.51 29.42 -14.60
N VAL A 424 -38.09 28.77 -15.61
CA VAL A 424 -39.01 27.66 -15.36
C VAL A 424 -38.22 26.43 -14.88
N GLU A 425 -37.21 26.03 -15.65
CA GLU A 425 -36.45 24.83 -15.29
C GLU A 425 -35.68 25.02 -13.98
N VAL A 426 -35.26 26.25 -13.69
CA VAL A 426 -34.53 26.49 -12.45
C VAL A 426 -35.44 26.31 -11.24
N SER A 427 -36.58 27.01 -11.24
CA SER A 427 -37.51 26.93 -10.12
C SER A 427 -38.07 25.53 -9.93
N ARG A 428 -38.11 24.71 -10.98
CA ARG A 428 -38.60 23.34 -10.86
C ARG A 428 -37.57 22.45 -10.19
N ASN A 429 -36.31 22.54 -10.60
CA ASN A 429 -35.27 21.72 -9.98
C ASN A 429 -35.05 22.11 -8.52
N LEU A 430 -35.21 23.39 -8.19
CA LEU A 430 -35.05 23.83 -6.80
C LEU A 430 -36.13 23.23 -5.91
N GLY A 431 -37.36 23.15 -6.41
CA GLY A 431 -38.43 22.54 -5.62
C GLY A 431 -38.27 21.05 -5.45
N LYS A 432 -37.62 20.38 -6.41
CA LYS A 432 -37.36 18.96 -6.26
C LYS A 432 -36.34 18.68 -5.18
N VAL A 433 -35.49 19.66 -4.85
CA VAL A 433 -34.57 19.50 -3.73
C VAL A 433 -35.34 19.36 -2.42
N GLY A 434 -36.40 20.16 -2.27
CA GLY A 434 -37.24 20.04 -1.09
C GLY A 434 -37.88 18.67 -0.96
N SER A 435 -38.39 18.13 -2.08
CA SER A 435 -39.01 16.82 -2.05
C SER A 435 -38.00 15.72 -1.72
N LYS A 436 -36.71 15.97 -1.94
CA LYS A 436 -35.71 14.94 -1.74
C LYS A 436 -35.17 14.93 -0.31
N CYS A 437 -34.91 16.10 0.26
CA CYS A 437 -34.18 16.19 1.51
C CYS A 437 -34.83 17.08 2.56
N CYS A 438 -36.06 17.55 2.35
CA CYS A 438 -36.80 18.12 3.47
C CYS A 438 -37.45 17.02 4.31
N LYS A 439 -37.52 15.79 3.80
CA LYS A 439 -37.90 14.64 4.59
C LYS A 439 -36.74 14.08 5.41
N HIS A 440 -35.51 14.56 5.17
CA HIS A 440 -34.37 14.22 5.99
C HIS A 440 -34.40 15.01 7.31
N PRO A 441 -33.84 14.46 8.38
CA PRO A 441 -33.72 15.24 9.63
C PRO A 441 -32.72 16.38 9.48
N GLU A 442 -32.54 17.18 10.53
CA GLU A 442 -31.59 18.28 10.46
C GLU A 442 -30.16 17.80 10.23
N ALA A 443 -29.87 16.52 10.50
CA ALA A 443 -28.51 16.03 10.41
C ALA A 443 -28.03 15.98 8.97
N LYS A 444 -28.80 15.35 8.09
CA LYS A 444 -28.41 15.17 6.69
C LYS A 444 -29.06 16.19 5.77
N ARG A 445 -29.76 17.19 6.31
CA ARG A 445 -30.44 18.17 5.47
C ARG A 445 -29.45 19.09 4.77
N MET A 446 -28.66 19.82 5.57
CA MET A 446 -27.72 20.78 4.98
C MET A 446 -26.65 20.14 4.10
N PRO A 447 -26.06 18.99 4.45
CA PRO A 447 -25.14 18.35 3.49
C PRO A 447 -25.79 18.03 2.16
N CYS A 448 -27.01 17.49 2.19
CA CYS A 448 -27.69 17.14 0.95
C CYS A 448 -28.05 18.38 0.14
N ALA A 449 -28.54 19.42 0.80
CA ALA A 449 -28.88 20.66 0.10
C ALA A 449 -27.67 21.23 -0.63
N GLU A 450 -26.49 21.19 0.00
CA GLU A 450 -25.28 21.66 -0.67
C GLU A 450 -25.07 20.94 -1.99
N ASP A 451 -25.30 19.63 -2.01
CA ASP A 451 -25.02 18.85 -3.21
C ASP A 451 -25.96 19.21 -4.34
N TYR A 452 -27.27 19.18 -4.09
CA TYR A 452 -28.24 19.44 -5.16
C TYR A 452 -28.22 20.90 -5.59
N LEU A 453 -27.97 21.83 -4.66
CA LEU A 453 -27.94 23.24 -5.03
C LEU A 453 -26.74 23.55 -5.92
N SER A 454 -25.59 22.93 -5.64
CA SER A 454 -24.40 23.19 -6.44
C SER A 454 -24.58 22.70 -7.87
N VAL A 455 -25.36 21.63 -8.06
CA VAL A 455 -25.65 21.15 -9.41
C VAL A 455 -26.61 22.10 -10.12
N VAL A 456 -27.69 22.47 -9.43
CA VAL A 456 -28.70 23.34 -10.04
C VAL A 456 -28.12 24.73 -10.32
N LEU A 457 -27.41 25.30 -9.35
CA LEU A 457 -26.90 26.65 -9.51
C LEU A 457 -25.86 26.74 -10.61
N ASN A 458 -25.04 25.70 -10.77
CA ASN A 458 -24.06 25.71 -11.84
C ASN A 458 -24.73 25.50 -13.20
N GLN A 459 -25.71 24.60 -13.28
CA GLN A 459 -26.47 24.45 -14.50
C GLN A 459 -27.18 25.75 -14.89
N LEU A 460 -27.61 26.53 -13.89
CA LEU A 460 -28.25 27.81 -14.18
C LEU A 460 -27.29 28.77 -14.86
N CYS A 461 -26.00 28.71 -14.51
CA CYS A 461 -25.01 29.58 -15.10
C CYS A 461 -24.39 29.03 -16.37
N VAL A 462 -24.53 27.71 -16.62
CA VAL A 462 -24.04 27.15 -17.87
C VAL A 462 -24.84 27.69 -19.05
N LEU A 463 -26.15 27.88 -18.85
CA LEU A 463 -26.96 28.54 -19.87
C LEU A 463 -26.76 30.05 -19.85
N HIS A 464 -26.47 30.63 -18.68
CA HIS A 464 -26.24 32.06 -18.59
C HIS A 464 -24.86 32.46 -19.10
N GLU A 465 -23.89 31.56 -19.01
CA GLU A 465 -22.57 31.83 -19.57
C GLU A 465 -22.63 31.91 -21.10
N LYS A 466 -23.39 31.00 -21.72
CA LYS A 466 -23.48 31.00 -23.17
C LYS A 466 -24.35 32.14 -23.68
N THR A 467 -25.39 32.49 -22.93
CA THR A 467 -26.30 33.57 -23.30
C THR A 467 -26.55 34.44 -22.07
N PRO A 468 -25.71 35.45 -21.84
CA PRO A 468 -25.89 36.32 -20.67
C PRO A 468 -27.13 37.18 -20.80
N VAL A 469 -27.52 37.79 -19.68
CA VAL A 469 -28.73 38.61 -19.63
C VAL A 469 -28.72 39.53 -18.41
N SER A 470 -28.38 38.98 -17.24
CA SER A 470 -28.46 39.70 -15.98
C SER A 470 -27.06 40.07 -15.49
N ASP A 471 -26.95 41.28 -14.94
CA ASP A 471 -25.68 41.72 -14.36
C ASP A 471 -25.48 41.14 -12.96
N ARG A 472 -26.55 41.07 -12.17
CA ARG A 472 -26.45 40.52 -10.82
C ARG A 472 -26.18 39.02 -10.85
N VAL A 473 -26.82 38.30 -11.78
CA VAL A 473 -26.64 36.85 -11.85
C VAL A 473 -25.21 36.51 -12.29
N THR A 474 -24.57 37.39 -13.05
CA THR A 474 -23.19 37.15 -13.46
C THR A 474 -22.25 37.27 -12.26
N LYS A 475 -22.49 38.26 -11.40
CA LYS A 475 -21.58 38.50 -10.27
C LYS A 475 -21.69 37.41 -9.22
N CYS A 476 -22.85 36.76 -9.09
CA CYS A 476 -23.02 35.72 -8.10
C CYS A 476 -22.36 34.41 -8.51
N CYS A 477 -22.25 34.16 -9.82
CA CYS A 477 -21.69 32.91 -10.31
C CYS A 477 -20.21 33.04 -10.68
N THR A 478 -19.68 34.25 -10.75
CA THR A 478 -18.25 34.47 -10.92
C THR A 478 -17.51 34.55 -9.58
N GLU A 479 -18.24 34.46 -8.46
CA GLU A 479 -17.64 34.54 -7.14
C GLU A 479 -17.14 33.17 -6.70
N SER A 480 -16.66 33.07 -5.46
CA SER A 480 -16.09 31.82 -4.96
C SER A 480 -17.19 30.77 -4.77
N LEU A 481 -16.75 29.54 -4.55
CA LEU A 481 -17.70 28.46 -4.32
C LEU A 481 -18.45 28.62 -3.00
N VAL A 482 -17.78 29.17 -1.98
CA VAL A 482 -18.45 29.45 -0.72
C VAL A 482 -19.26 30.73 -0.76
N ASN A 483 -19.06 31.56 -1.79
CA ASN A 483 -19.80 32.82 -1.93
C ASN A 483 -20.85 32.77 -3.02
N ARG A 484 -21.13 31.60 -3.58
CA ARG A 484 -22.09 31.53 -4.68
C ARG A 484 -23.51 31.38 -4.16
N ARG A 485 -23.71 30.52 -3.15
CA ARG A 485 -25.06 30.37 -2.58
C ARG A 485 -25.48 31.60 -1.79
N PRO A 486 -24.67 32.17 -0.89
CA PRO A 486 -25.12 33.37 -0.17
C PRO A 486 -25.33 34.57 -1.07
N CYS A 487 -24.64 34.64 -2.21
CA CYS A 487 -24.89 35.71 -3.16
C CYS A 487 -26.27 35.57 -3.78
N PHE A 488 -26.66 34.36 -4.18
CA PHE A 488 -27.98 34.15 -4.76
C PHE A 488 -29.08 34.39 -3.74
N SER A 489 -28.84 34.00 -2.48
CA SER A 489 -29.79 34.29 -1.41
C SER A 489 -29.85 35.76 -1.06
N ALA A 490 -28.88 36.57 -1.53
CA ALA A 490 -28.87 37.99 -1.29
C ALA A 490 -29.48 38.79 -2.44
N LEU A 491 -30.28 38.15 -3.27
CA LEU A 491 -30.94 38.81 -4.40
C LEU A 491 -32.39 39.13 -4.01
N GLU A 492 -32.80 40.36 -4.27
CA GLU A 492 -34.15 40.83 -3.97
C GLU A 492 -34.80 41.36 -5.24
N VAL A 493 -36.02 41.89 -5.08
CA VAL A 493 -36.82 42.31 -6.22
C VAL A 493 -36.10 43.43 -6.98
N ASP A 494 -36.12 43.33 -8.31
CA ASP A 494 -35.41 44.28 -9.17
C ASP A 494 -36.28 45.53 -9.29
N GLU A 495 -36.04 46.49 -8.39
CA GLU A 495 -36.75 47.77 -8.44
C GLU A 495 -36.36 48.59 -9.67
N THR A 496 -35.22 48.29 -10.28
CA THR A 496 -34.78 48.98 -11.49
C THR A 496 -35.03 48.10 -12.72
N TYR A 497 -36.30 47.75 -12.93
CA TYR A 497 -36.71 46.91 -14.04
C TYR A 497 -37.94 47.52 -14.71
N VAL A 498 -37.90 47.62 -16.02
CA VAL A 498 -39.05 48.10 -16.80
C VAL A 498 -39.93 46.91 -17.12
N PRO A 499 -41.22 46.96 -16.79
CA PRO A 499 -42.10 45.82 -17.06
C PRO A 499 -42.17 45.49 -18.54
N LYS A 500 -42.44 44.21 -18.83
CA LYS A 500 -42.57 43.76 -20.21
C LYS A 500 -43.93 44.17 -20.78
N GLU A 501 -43.95 44.50 -22.06
CA GLU A 501 -45.19 44.89 -22.72
C GLU A 501 -46.17 43.72 -22.77
N PHE A 502 -47.45 44.05 -22.64
CA PHE A 502 -48.50 43.04 -22.65
C PHE A 502 -48.63 42.45 -24.05
N ASN A 503 -48.49 41.13 -24.15
CA ASN A 503 -48.73 40.40 -25.40
C ASN A 503 -49.77 39.33 -25.11
N ALA A 504 -51.03 39.63 -25.43
CA ALA A 504 -52.13 38.70 -25.14
C ALA A 504 -51.96 37.37 -25.87
N GLU A 505 -51.16 37.33 -26.92
CA GLU A 505 -50.90 36.06 -27.61
C GLU A 505 -50.17 35.07 -26.71
N THR A 506 -49.37 35.57 -25.76
CA THR A 506 -48.67 34.69 -24.82
C THR A 506 -49.65 34.03 -23.86
N PHE A 507 -50.49 34.84 -23.20
CA PHE A 507 -51.49 34.31 -22.28
C PHE A 507 -52.62 33.59 -23.00
N THR A 508 -52.68 33.66 -24.34
CA THR A 508 -53.69 32.95 -25.10
C THR A 508 -53.44 31.44 -25.02
N PHE A 509 -54.39 30.72 -24.43
CA PHE A 509 -54.29 29.28 -24.30
C PHE A 509 -55.22 28.60 -25.30
N HIS A 510 -55.08 27.28 -25.41
CA HIS A 510 -55.88 26.46 -26.31
C HIS A 510 -56.32 25.21 -25.58
N ALA A 511 -57.24 24.47 -26.20
CA ALA A 511 -57.76 23.26 -25.59
C ALA A 511 -56.74 22.13 -25.56
N ASP A 512 -55.60 22.27 -26.25
CA ASP A 512 -54.59 21.22 -26.23
C ASP A 512 -54.02 20.99 -24.84
N ILE A 513 -54.09 21.99 -23.96
CA ILE A 513 -53.58 21.83 -22.60
C ILE A 513 -54.44 20.85 -21.81
N CYS A 514 -55.73 20.76 -22.14
CA CYS A 514 -56.58 19.80 -21.45
C CYS A 514 -56.25 18.37 -21.85
N THR A 515 -55.80 18.16 -23.08
CA THR A 515 -55.34 16.86 -23.52
C THR A 515 -53.85 16.66 -23.32
N LEU A 516 -53.12 17.71 -22.91
CA LEU A 516 -51.69 17.61 -22.69
C LEU A 516 -51.40 16.81 -21.43
N SER A 517 -50.15 16.34 -21.33
CA SER A 517 -49.73 15.56 -20.17
C SER A 517 -49.75 16.43 -18.91
N GLU A 518 -49.80 15.76 -17.75
CA GLU A 518 -49.76 16.49 -16.50
C GLU A 518 -48.43 17.21 -16.31
N LYS A 519 -47.33 16.63 -16.81
CA LYS A 519 -46.04 17.30 -16.73
C LYS A 519 -45.99 18.50 -17.67
N GLU A 520 -46.39 18.31 -18.93
CA GLU A 520 -46.36 19.41 -19.89
C GLU A 520 -47.35 20.51 -19.51
N ARG A 521 -48.47 20.14 -18.89
CA ARG A 521 -49.42 21.15 -18.41
C ARG A 521 -48.80 22.00 -17.31
N GLN A 522 -47.88 21.43 -16.53
CA GLN A 522 -47.16 22.20 -15.52
C GLN A 522 -46.25 23.22 -16.19
N ILE A 523 -45.46 22.79 -17.18
CA ILE A 523 -44.52 23.69 -17.83
C ILE A 523 -45.24 24.83 -18.52
N LYS A 524 -46.42 24.55 -19.11
CA LYS A 524 -47.17 25.60 -19.78
C LYS A 524 -47.83 26.54 -18.77
N LYS A 525 -48.37 25.99 -17.68
CA LYS A 525 -49.01 26.83 -16.68
C LYS A 525 -47.98 27.68 -15.92
N GLN A 526 -46.78 27.14 -15.71
CA GLN A 526 -45.74 27.90 -15.05
C GLN A 526 -45.16 28.96 -15.97
N THR A 527 -45.12 28.69 -17.28
CA THR A 527 -44.57 29.66 -18.23
C THR A 527 -45.39 30.94 -18.24
N ALA A 528 -46.73 30.81 -18.18
CA ALA A 528 -47.58 31.99 -18.15
C ALA A 528 -47.47 32.73 -16.82
N LEU A 529 -47.17 32.01 -15.74
CA LEU A 529 -46.96 32.66 -14.45
C LEU A 529 -45.75 33.58 -14.47
N VAL A 530 -44.70 33.19 -15.20
CA VAL A 530 -43.51 34.04 -15.31
C VAL A 530 -43.83 35.29 -16.12
N GLU A 531 -44.40 35.10 -17.31
CA GLU A 531 -44.73 36.24 -18.17
C GLU A 531 -45.70 37.19 -17.49
N LEU A 532 -46.59 36.65 -16.65
CA LEU A 532 -47.50 37.51 -15.89
C LEU A 532 -46.74 38.36 -14.88
N VAL A 533 -45.75 37.78 -14.20
CA VAL A 533 -44.96 38.53 -13.23
C VAL A 533 -44.00 39.48 -13.94
N LYS A 534 -43.62 39.18 -15.17
CA LYS A 534 -42.78 40.10 -15.93
C LYS A 534 -43.58 41.28 -16.48
N HIS A 535 -44.87 41.07 -16.80
CA HIS A 535 -45.69 42.15 -17.31
C HIS A 535 -46.05 43.14 -16.20
N LYS A 536 -46.33 42.63 -15.00
CA LYS A 536 -46.68 43.47 -13.86
C LYS A 536 -46.06 42.86 -12.60
N PRO A 537 -44.82 43.22 -12.29
CA PRO A 537 -44.15 42.61 -11.13
C PRO A 537 -44.63 43.13 -9.79
N LYS A 538 -45.26 44.29 -9.73
CA LYS A 538 -45.73 44.85 -8.47
C LYS A 538 -47.05 44.24 -8.00
N ALA A 539 -47.51 43.17 -8.63
CA ALA A 539 -48.75 42.53 -8.20
C ALA A 539 -48.57 41.87 -6.84
N THR A 540 -49.57 42.02 -5.98
CA THR A 540 -49.50 41.48 -4.63
C THR A 540 -49.72 39.96 -4.65
N LYS A 541 -49.48 39.33 -3.50
CA LYS A 541 -49.68 37.90 -3.39
C LYS A 541 -51.16 37.54 -3.46
N GLU A 542 -52.02 38.34 -2.81
CA GLU A 542 -53.46 38.09 -2.85
C GLU A 542 -54.03 38.33 -4.25
N GLN A 543 -53.45 39.27 -4.99
CA GLN A 543 -53.90 39.51 -6.37
C GLN A 543 -53.55 38.33 -7.27
N LEU A 544 -52.32 37.82 -7.16
CA LEU A 544 -51.90 36.69 -7.99
C LEU A 544 -52.67 35.43 -7.65
N LYS A 545 -52.99 35.23 -6.36
CA LYS A 545 -53.76 34.07 -5.97
C LYS A 545 -55.15 34.08 -6.60
N ALA A 546 -55.72 35.26 -6.79
CA ALA A 546 -57.04 35.35 -7.44
C ALA A 546 -56.93 34.98 -8.91
N VAL A 547 -55.94 35.52 -9.61
CA VAL A 547 -55.76 35.20 -11.03
C VAL A 547 -55.45 33.72 -11.20
N MET A 548 -54.66 33.16 -10.29
CA MET A 548 -54.28 31.75 -10.41
C MET A 548 -55.46 30.84 -10.10
N ASP A 549 -56.24 31.15 -9.05
CA ASP A 549 -57.39 30.32 -8.72
C ASP A 549 -58.49 30.46 -9.76
N ASP A 550 -58.57 31.62 -10.44
CA ASP A 550 -59.55 31.78 -11.50
C ASP A 550 -59.13 31.04 -12.77
N PHE A 551 -57.82 31.01 -13.06
CA PHE A 551 -57.33 30.27 -14.21
C PHE A 551 -57.47 28.77 -14.01
N ALA A 552 -57.38 28.29 -12.77
CA ALA A 552 -57.60 26.88 -12.50
C ALA A 552 -59.02 26.48 -12.86
N ALA A 553 -60.00 27.33 -12.51
CA ALA A 553 -61.38 27.07 -12.89
C ALA A 553 -61.64 27.33 -14.37
N PHE A 554 -60.86 28.22 -14.98
CA PHE A 554 -61.04 28.50 -16.40
C PHE A 554 -60.60 27.31 -17.25
N VAL A 555 -59.49 26.67 -16.89
CA VAL A 555 -59.04 25.48 -17.61
C VAL A 555 -59.95 24.29 -17.35
N GLU A 556 -60.69 24.30 -16.24
CA GLU A 556 -61.60 23.20 -15.94
C GLU A 556 -62.99 23.45 -16.52
N LYS A 557 -63.45 24.71 -16.49
CA LYS A 557 -64.77 25.02 -17.04
C LYS A 557 -64.78 24.86 -18.56
N CYS A 558 -63.71 25.29 -19.22
CA CYS A 558 -63.60 25.17 -20.68
C CYS A 558 -63.33 23.74 -21.14
N CYS A 559 -63.23 22.78 -20.23
CA CYS A 559 -63.01 21.39 -20.61
C CYS A 559 -63.81 20.44 -19.72
N THR A 566 -63.34 24.31 -27.67
CA THR A 566 -62.69 25.59 -27.95
C THR A 566 -63.34 26.71 -27.14
N CYS A 567 -63.52 26.46 -25.85
CA CYS A 567 -64.13 27.46 -24.97
C CYS A 567 -63.13 28.55 -24.57
N PHE A 568 -61.83 28.25 -24.64
CA PHE A 568 -60.77 29.17 -24.23
C PHE A 568 -60.81 30.50 -24.97
N ALA A 569 -61.54 30.59 -26.08
CA ALA A 569 -61.59 31.85 -26.81
C ALA A 569 -62.50 32.86 -26.11
N GLU A 570 -63.76 32.48 -25.88
CA GLU A 570 -64.73 33.40 -25.31
C GLU A 570 -64.44 33.68 -23.84
N GLU A 571 -64.79 32.75 -22.96
CA GLU A 571 -64.64 32.96 -21.52
C GLU A 571 -63.17 33.12 -21.12
N GLY A 572 -62.24 32.62 -21.93
CA GLY A 572 -60.83 32.84 -21.65
C GLY A 572 -60.39 34.27 -21.90
N LYS A 573 -61.07 34.96 -22.82
CA LYS A 573 -60.76 36.36 -23.08
C LYS A 573 -61.29 37.28 -21.99
N LYS A 574 -62.18 36.78 -21.14
CA LYS A 574 -62.66 37.59 -20.02
C LYS A 574 -61.62 37.67 -18.92
N LEU A 575 -60.81 36.63 -18.74
CA LEU A 575 -59.79 36.64 -17.69
C LEU A 575 -58.69 37.66 -18.01
N VAL A 576 -58.28 37.74 -19.27
CA VAL A 576 -57.19 38.63 -19.66
C VAL A 576 -57.54 40.08 -19.31
N ALA A 577 -58.78 40.48 -19.56
CA ALA A 577 -59.22 41.82 -19.19
C ALA A 577 -59.53 41.92 -17.70
N ALA A 578 -60.09 40.86 -17.10
CA ALA A 578 -60.37 40.87 -15.67
C ALA A 578 -59.08 40.94 -14.86
N SER A 579 -58.07 40.15 -15.23
CA SER A 579 -56.80 40.12 -14.52
C SER A 579 -56.01 41.40 -14.69
N GLN A 580 -56.40 42.28 -15.61
CA GLN A 580 -55.72 43.55 -15.78
C GLN A 580 -56.11 44.55 -14.70
N ALA A 581 -55.99 44.15 -13.44
CA ALA A 581 -56.30 45.02 -12.32
C ALA A 581 -55.50 44.63 -11.07
N HIS B 3 -8.93 0.41 20.90
CA HIS B 3 -7.59 0.70 21.39
C HIS B 3 -7.38 2.19 21.60
N LYS B 4 -8.02 2.73 22.65
CA LYS B 4 -7.81 4.13 23.00
C LYS B 4 -6.35 4.37 23.34
N SER B 5 -5.77 3.54 24.21
CA SER B 5 -4.37 3.61 24.58
C SER B 5 -3.67 2.38 24.03
N GLU B 6 -2.94 2.56 22.93
CA GLU B 6 -2.16 1.45 22.39
C GLU B 6 -1.01 1.05 23.32
N VAL B 7 -0.46 2.01 24.06
CA VAL B 7 0.65 1.69 24.96
C VAL B 7 0.14 0.90 26.17
N ALA B 8 -1.09 1.16 26.60
CA ALA B 8 -1.68 0.35 27.66
C ALA B 8 -1.92 -1.08 27.21
N HIS B 9 -2.22 -1.28 25.93
CA HIS B 9 -2.52 -2.61 25.43
C HIS B 9 -1.25 -3.46 25.34
N ARG B 10 -0.13 -2.85 24.95
CA ARG B 10 1.13 -3.58 24.90
C ARG B 10 1.55 -4.04 26.29
N PHE B 11 1.31 -3.23 27.32
CA PHE B 11 1.67 -3.60 28.69
C PHE B 11 0.85 -4.80 29.17
N LYS B 12 -0.40 -4.93 28.72
CA LYS B 12 -1.24 -6.01 29.20
C LYS B 12 -0.89 -7.33 28.52
N ASP B 13 -0.48 -7.28 27.25
CA ASP B 13 -0.15 -8.48 26.49
C ASP B 13 1.27 -8.95 26.74
N LEU B 14 2.25 -8.05 26.66
CA LEU B 14 3.64 -8.44 26.83
C LEU B 14 3.96 -8.78 28.28
N GLY B 15 3.46 -7.99 29.21
CA GLY B 15 3.86 -8.11 30.60
C GLY B 15 4.88 -7.05 30.98
N GLU B 16 4.98 -6.79 32.28
CA GLU B 16 5.85 -5.72 32.76
C GLU B 16 7.31 -6.00 32.44
N GLU B 17 7.76 -7.25 32.66
CA GLU B 17 9.16 -7.58 32.39
C GLU B 17 9.48 -7.44 30.90
N ASN B 18 8.69 -8.09 30.05
CA ASN B 18 8.96 -8.06 28.61
C ASN B 18 8.80 -6.65 28.04
N PHE B 19 7.90 -5.84 28.61
CA PHE B 19 7.72 -4.47 28.13
C PHE B 19 9.01 -3.66 28.30
N LYS B 20 9.58 -3.68 29.50
CA LYS B 20 10.76 -2.87 29.78
C LYS B 20 11.96 -3.33 28.96
N ALA B 21 12.08 -4.65 28.74
CA ALA B 21 13.19 -5.15 27.94
C ALA B 21 13.06 -4.73 26.48
N LEU B 22 11.85 -4.82 25.91
CA LEU B 22 11.66 -4.38 24.53
C LEU B 22 11.83 -2.88 24.40
N VAL B 23 11.50 -2.11 25.45
CA VAL B 23 11.73 -0.67 25.42
C VAL B 23 13.22 -0.37 25.53
N LEU B 24 13.95 -1.13 26.35
CA LEU B 24 15.39 -0.98 26.40
C LEU B 24 16.02 -1.26 25.04
N ILE B 25 15.66 -2.39 24.43
CA ILE B 25 16.21 -2.73 23.11
C ILE B 25 15.88 -1.62 22.11
N ALA B 26 14.67 -1.08 22.18
CA ALA B 26 14.25 -0.09 21.20
C ALA B 26 15.10 1.18 21.29
N PHE B 27 15.25 1.73 22.49
CA PHE B 27 16.08 2.92 22.63
C PHE B 27 17.55 2.63 22.40
N ALA B 28 17.99 1.41 22.69
CA ALA B 28 19.39 1.06 22.42
C ALA B 28 19.67 0.96 20.92
N GLN B 29 18.69 0.54 20.12
CA GLN B 29 18.93 0.38 18.69
C GLN B 29 19.06 1.73 17.99
N TYR B 30 18.43 2.77 18.53
CA TYR B 30 18.53 4.13 17.99
C TYR B 30 19.63 4.94 18.69
N LEU B 31 19.61 5.00 20.02
CA LEU B 31 20.63 5.74 20.77
C LEU B 31 21.78 4.80 21.11
N GLN B 32 22.52 4.43 20.06
CA GLN B 32 23.57 3.43 20.19
C GLN B 32 24.76 3.92 21.02
N GLN B 33 24.89 5.23 21.21
CA GLN B 33 26.04 5.78 21.94
C GLN B 33 25.72 6.18 23.37
N CYS B 34 24.45 6.31 23.74
CA CYS B 34 24.11 6.70 25.10
C CYS B 34 24.48 5.58 26.07
N PRO B 35 24.94 5.92 27.28
CA PRO B 35 25.38 4.88 28.22
C PRO B 35 24.21 4.12 28.81
N PHE B 36 24.55 3.01 29.48
CA PHE B 36 23.53 2.14 30.07
C PHE B 36 22.74 2.84 31.17
N GLU B 37 23.37 3.75 31.90
CA GLU B 37 22.68 4.41 33.00
C GLU B 37 21.59 5.34 32.51
N ASP B 38 21.81 5.99 31.36
CA ASP B 38 20.79 6.88 30.80
C ASP B 38 19.62 6.08 30.23
N HIS B 39 19.91 4.91 29.65
CA HIS B 39 18.85 4.11 29.04
C HIS B 39 17.95 3.48 30.08
N VAL B 40 18.49 3.11 31.24
CA VAL B 40 17.65 2.59 32.31
C VAL B 40 16.70 3.67 32.81
N LYS B 41 17.12 4.93 32.74
CA LYS B 41 16.25 6.03 33.17
C LYS B 41 15.10 6.21 32.20
N LEU B 42 15.36 6.13 30.89
CA LEU B 42 14.30 6.31 29.91
C LEU B 42 13.28 5.17 30.00
N VAL B 43 13.74 3.95 30.24
CA VAL B 43 12.83 2.81 30.36
C VAL B 43 11.87 3.03 31.53
N ASN B 44 12.39 3.42 32.69
CA ASN B 44 11.53 3.62 33.85
C ASN B 44 10.56 4.78 33.63
N GLU B 45 10.99 5.82 32.91
CA GLU B 45 10.07 6.91 32.58
C GLU B 45 8.98 6.44 31.64
N VAL B 46 9.28 5.49 30.76
CA VAL B 46 8.27 4.95 29.86
C VAL B 46 7.37 3.96 30.60
N THR B 47 7.94 3.16 31.50
CA THR B 47 7.16 2.17 32.23
C THR B 47 6.20 2.82 33.22
N GLU B 48 6.65 3.86 33.93
CA GLU B 48 5.76 4.54 34.86
C GLU B 48 4.69 5.35 34.13
N PHE B 49 4.98 5.79 32.90
CA PHE B 49 3.95 6.43 32.09
C PHE B 49 2.96 5.42 31.55
N ALA B 50 3.43 4.21 31.23
CA ALA B 50 2.54 3.18 30.68
C ALA B 50 1.55 2.71 31.72
N LYS B 51 1.97 2.62 32.99
CA LYS B 51 1.06 2.14 34.02
C LYS B 51 -0.07 3.13 34.27
N THR B 52 0.15 4.43 34.02
CA THR B 52 -0.95 5.39 34.14
C THR B 52 -2.00 5.14 33.08
N CYS B 53 -1.58 4.75 31.87
CA CYS B 53 -2.56 4.41 30.82
C CYS B 53 -3.28 3.10 31.13
N VAL B 54 -2.57 2.15 31.73
CA VAL B 54 -3.23 0.92 32.18
C VAL B 54 -4.24 1.22 33.27
N ALA B 55 -3.94 2.20 34.13
CA ALA B 55 -4.86 2.60 35.18
C ALA B 55 -6.10 3.26 34.58
N ASP B 56 -5.92 4.35 33.84
CA ASP B 56 -7.00 5.05 33.17
C ASP B 56 -6.60 5.30 31.72
N GLU B 57 -7.26 4.59 30.80
CA GLU B 57 -6.95 4.68 29.37
C GLU B 57 -7.34 6.01 28.76
N SER B 58 -7.82 6.98 29.54
CA SER B 58 -8.15 8.31 29.05
C SER B 58 -7.23 9.38 29.63
N ALA B 59 -6.05 9.00 30.08
CA ALA B 59 -5.14 9.96 30.68
C ALA B 59 -4.41 10.75 29.59
N GLU B 60 -3.53 11.66 30.03
CA GLU B 60 -2.84 12.54 29.10
C GLU B 60 -1.84 11.75 28.24
N ASN B 61 -1.85 12.03 26.94
CA ASN B 61 -0.92 11.44 25.97
C ASN B 61 -1.07 9.92 25.86
N CYS B 62 -2.03 9.34 26.58
CA CYS B 62 -2.26 7.91 26.48
C CYS B 62 -2.91 7.53 25.17
N ASP B 63 -3.66 8.45 24.55
CA ASP B 63 -4.28 8.16 23.27
C ASP B 63 -3.30 8.28 22.10
N LYS B 64 -2.09 8.78 22.36
CA LYS B 64 -1.09 8.91 21.32
C LYS B 64 -0.68 7.55 20.78
N SER B 65 -0.23 7.53 19.53
CA SER B 65 0.25 6.29 18.94
C SER B 65 1.62 5.93 19.51
N LEU B 66 1.98 4.65 19.40
CA LEU B 66 3.26 4.20 19.89
C LEU B 66 4.42 4.92 19.22
N HIS B 67 4.30 5.21 17.93
CA HIS B 67 5.35 5.95 17.23
C HIS B 67 5.47 7.37 17.77
N THR B 68 4.34 8.03 18.03
CA THR B 68 4.37 9.40 18.56
C THR B 68 5.02 9.44 19.93
N LEU B 69 4.58 8.55 20.82
CA LEU B 69 5.18 8.48 22.15
C LEU B 69 6.67 8.19 22.09
N PHE B 70 7.05 7.23 21.24
CA PHE B 70 8.47 6.85 21.12
C PHE B 70 9.30 7.99 20.55
N GLY B 71 8.85 8.57 19.44
CA GLY B 71 9.60 9.65 18.82
C GLY B 71 9.72 10.87 19.71
N ASP B 72 8.64 11.22 20.42
CA ASP B 72 8.70 12.36 21.34
C ASP B 72 9.75 12.11 22.43
N LYS B 73 9.67 10.96 23.10
CA LYS B 73 10.65 10.63 24.12
C LYS B 73 12.06 10.57 23.54
N LEU B 74 12.17 10.17 22.27
CA LEU B 74 13.48 10.14 21.63
C LEU B 74 14.02 11.55 21.40
N CYS B 75 13.12 12.53 21.24
CA CYS B 75 13.50 13.89 20.96
C CYS B 75 13.66 14.74 22.21
N THR B 76 13.67 14.12 23.38
CA THR B 76 13.89 14.83 24.64
C THR B 76 15.32 14.67 25.16
N VAL B 77 16.16 13.94 24.45
CA VAL B 77 17.55 13.74 24.88
C VAL B 77 18.32 15.04 24.70
N ALA B 78 18.95 15.51 25.79
CA ALA B 78 19.71 16.76 25.72
C ALA B 78 20.92 16.63 24.80
N THR B 79 21.57 15.48 24.81
CA THR B 79 22.72 15.22 23.95
C THR B 79 22.35 14.64 22.60
N LEU B 80 21.11 14.85 22.15
CA LEU B 80 20.67 14.31 20.87
C LEU B 80 21.36 15.02 19.71
N ARG B 81 21.16 16.34 19.61
CA ARG B 81 21.78 17.10 18.54
C ARG B 81 23.30 17.16 18.66
N GLU B 82 23.83 16.98 19.87
CA GLU B 82 25.28 17.02 20.06
C GLU B 82 25.95 15.77 19.53
N THR B 83 25.49 14.60 19.98
CA THR B 83 26.13 13.32 19.65
C THR B 83 25.62 12.75 18.33
N TYR B 84 24.31 12.53 18.23
CA TYR B 84 23.73 11.86 17.08
C TYR B 84 23.48 12.80 15.90
N GLY B 85 23.54 14.12 16.12
CA GLY B 85 23.54 15.09 15.05
C GLY B 85 22.33 15.10 14.15
N GLU B 86 22.48 14.53 12.95
CA GLU B 86 21.42 14.61 11.94
C GLU B 86 20.13 13.93 12.39
N MET B 87 20.19 13.06 13.39
CA MET B 87 18.98 12.45 13.91
C MET B 87 18.07 13.46 14.61
N ALA B 88 18.65 14.56 15.10
CA ALA B 88 17.86 15.58 15.79
C ALA B 88 17.16 16.53 14.83
N ASP B 89 17.62 16.65 13.59
CA ASP B 89 16.93 17.50 12.62
C ASP B 89 15.55 16.95 12.29
N CYS B 90 15.37 15.63 12.42
CA CYS B 90 14.10 14.99 12.08
C CYS B 90 13.05 15.17 13.16
N CYS B 91 13.43 15.64 14.35
CA CYS B 91 12.45 15.90 15.40
C CYS B 91 11.51 17.05 15.04
N ALA B 92 11.88 17.86 14.04
CA ALA B 92 11.00 18.91 13.53
C ALA B 92 10.13 18.43 12.37
N LYS B 93 9.76 17.16 12.35
CA LYS B 93 8.92 16.59 11.31
C LYS B 93 7.74 15.84 11.94
N GLN B 94 6.65 15.75 11.18
CA GLN B 94 5.48 15.02 11.64
C GLN B 94 5.81 13.53 11.78
N GLU B 95 5.13 12.89 12.73
CA GLU B 95 5.45 11.50 13.08
C GLU B 95 5.45 10.52 11.91
N PRO B 96 4.55 10.62 10.92
CA PRO B 96 4.73 9.77 9.72
C PRO B 96 6.09 9.98 9.06
N GLU B 97 6.50 11.23 8.88
CA GLU B 97 7.79 11.56 8.29
C GLU B 97 8.93 11.49 9.29
N ARG B 98 8.62 11.47 10.58
CA ARG B 98 9.66 11.49 11.60
C ARG B 98 10.30 10.12 11.79
N ASN B 99 9.47 9.07 11.91
CA ASN B 99 10.02 7.74 12.17
C ASN B 99 10.71 7.17 10.94
N GLU B 100 10.27 7.55 9.74
CA GLU B 100 10.94 7.07 8.54
C GLU B 100 12.36 7.61 8.44
N CYS B 101 12.64 8.77 9.03
CA CYS B 101 14.01 9.25 9.07
C CYS B 101 14.83 8.52 10.11
N PHE B 102 14.26 8.29 11.30
CA PHE B 102 14.96 7.56 12.35
C PHE B 102 15.41 6.19 11.87
N LEU B 103 14.65 5.57 10.97
CA LEU B 103 15.05 4.28 10.41
C LEU B 103 16.24 4.44 9.46
N GLN B 104 16.24 5.51 8.66
CA GLN B 104 17.30 5.77 7.70
C GLN B 104 18.58 6.29 8.34
N HIS B 105 18.59 6.50 9.67
CA HIS B 105 19.77 7.01 10.35
C HIS B 105 20.31 6.05 11.40
N LYS B 106 19.75 4.84 11.50
CA LYS B 106 20.33 3.80 12.34
C LYS B 106 21.55 3.21 11.64
N ASP B 107 22.66 3.13 12.35
CA ASP B 107 23.92 2.64 11.80
C ASP B 107 24.00 1.13 12.02
N ASP B 108 24.04 0.38 10.91
CA ASP B 108 24.08 -1.09 11.02
C ASP B 108 25.34 -1.57 11.72
N ASN B 109 26.45 -0.85 11.57
CA ASN B 109 27.71 -1.22 12.21
C ASN B 109 28.35 0.05 12.77
N PRO B 110 28.10 0.34 14.04
CA PRO B 110 28.76 1.48 14.68
C PRO B 110 30.21 1.13 15.03
N ASN B 111 30.93 2.14 15.50
CA ASN B 111 32.35 1.99 15.82
C ASN B 111 32.50 1.91 17.34
N LEU B 112 32.22 0.72 17.87
CA LEU B 112 32.28 0.44 19.29
C LEU B 112 33.36 -0.60 19.59
N PRO B 113 33.96 -0.56 20.78
CA PRO B 113 34.94 -1.59 21.13
C PRO B 113 34.27 -2.95 21.28
N ARG B 114 35.05 -4.00 21.01
CA ARG B 114 34.51 -5.35 21.06
C ARG B 114 34.11 -5.71 22.50
N LEU B 115 33.20 -6.68 22.60
CA LEU B 115 32.70 -7.13 23.89
C LEU B 115 33.74 -8.07 24.52
N VAL B 116 34.32 -7.64 25.63
CA VAL B 116 35.29 -8.45 26.35
C VAL B 116 34.55 -9.23 27.43
N ARG B 117 34.63 -10.55 27.37
CA ARG B 117 34.00 -11.41 28.36
C ARG B 117 34.85 -11.41 29.64
N PRO B 118 34.30 -10.99 30.78
CA PRO B 118 35.07 -11.06 32.03
C PRO B 118 35.32 -12.49 32.48
N GLU B 119 36.00 -12.65 33.62
CA GLU B 119 36.27 -13.97 34.16
C GLU B 119 34.97 -14.61 34.64
N VAL B 120 34.95 -15.95 34.61
CA VAL B 120 33.75 -16.70 34.99
C VAL B 120 33.33 -16.36 36.41
N ASP B 121 34.29 -16.15 37.31
CA ASP B 121 33.96 -15.79 38.68
C ASP B 121 33.46 -14.36 38.78
N VAL B 122 33.92 -13.48 37.87
CA VAL B 122 33.45 -12.10 37.87
C VAL B 122 32.00 -12.03 37.41
N MET B 123 31.65 -12.82 36.38
CA MET B 123 30.28 -12.81 35.89
C MET B 123 29.31 -13.36 36.93
N CYS B 124 29.59 -14.56 37.45
CA CYS B 124 28.71 -15.17 38.45
C CYS B 124 28.52 -14.27 39.66
N THR B 125 29.55 -13.49 40.02
CA THR B 125 29.41 -12.59 41.17
C THR B 125 28.51 -11.41 40.83
N ALA B 126 28.66 -10.85 39.63
CA ALA B 126 27.75 -9.80 39.20
C ALA B 126 26.35 -10.33 38.95
N PHE B 127 26.24 -11.62 38.62
CA PHE B 127 24.92 -12.20 38.39
C PHE B 127 24.17 -12.41 39.71
N HIS B 128 24.89 -12.70 40.80
CA HIS B 128 24.31 -12.90 42.13
C HIS B 128 24.05 -11.59 42.88
N ASP B 129 24.93 -10.60 42.72
CA ASP B 129 24.73 -9.35 43.46
C ASP B 129 23.56 -8.56 42.89
N ASN B 130 23.48 -8.44 41.57
CA ASN B 130 22.40 -7.69 40.93
C ASN B 130 22.12 -8.35 39.58
N GLU B 131 21.16 -9.27 39.58
CA GLU B 131 20.82 -9.98 38.35
C GLU B 131 20.10 -9.08 37.36
N GLU B 132 19.31 -8.12 37.85
CA GLU B 132 18.57 -7.23 36.96
C GLU B 132 19.51 -6.41 36.08
N THR B 133 20.43 -5.66 36.70
CA THR B 133 21.36 -4.85 35.93
C THR B 133 22.32 -5.70 35.13
N PHE B 134 22.60 -6.93 35.58
CA PHE B 134 23.48 -7.80 34.83
C PHE B 134 22.82 -8.25 33.53
N LEU B 135 21.63 -8.84 33.63
CA LEU B 135 20.91 -9.33 32.45
C LEU B 135 20.40 -8.21 31.57
N LYS B 136 20.20 -7.01 32.12
CA LYS B 136 19.79 -5.89 31.29
C LYS B 136 20.95 -5.35 30.46
N LYS B 137 22.15 -5.36 31.03
CA LYS B 137 23.32 -4.94 30.26
C LYS B 137 23.54 -5.84 29.05
N TYR B 138 23.13 -7.11 29.15
CA TYR B 138 23.24 -8.03 28.02
C TYR B 138 22.44 -7.54 26.83
N LEU B 139 21.19 -7.12 27.05
CA LEU B 139 20.38 -6.61 25.95
C LEU B 139 20.92 -5.28 25.43
N TYR B 140 21.42 -4.43 26.32
CA TYR B 140 21.94 -3.12 25.92
C TYR B 140 23.07 -3.27 24.91
N GLU B 141 24.08 -4.09 25.23
CA GLU B 141 25.26 -4.16 24.37
C GLU B 141 24.92 -4.74 23.00
N ILE B 142 24.08 -5.77 22.96
CA ILE B 142 23.77 -6.42 21.67
C ILE B 142 22.88 -5.53 20.82
N ALA B 143 21.89 -4.88 21.42
CA ALA B 143 20.97 -4.06 20.65
C ALA B 143 21.68 -2.89 20.00
N ARG B 144 22.53 -2.18 20.76
CA ARG B 144 23.24 -1.03 20.20
C ARG B 144 24.21 -1.42 19.10
N ARG B 145 24.64 -2.68 19.05
CA ARG B 145 25.53 -3.15 17.99
C ARG B 145 24.80 -3.90 16.88
N HIS B 146 23.57 -4.37 17.13
CA HIS B 146 22.74 -5.04 16.13
C HIS B 146 21.40 -4.32 16.05
N PRO B 147 21.37 -3.10 15.50
CA PRO B 147 20.16 -2.27 15.61
C PRO B 147 18.98 -2.78 14.80
N TYR B 148 19.20 -3.69 13.85
CA TYR B 148 18.12 -4.26 13.05
C TYR B 148 17.72 -5.64 13.52
N PHE B 149 18.20 -6.08 14.68
CA PHE B 149 17.90 -7.41 15.17
C PHE B 149 16.51 -7.44 15.78
N TYR B 150 15.70 -8.42 15.37
CA TYR B 150 14.33 -8.57 15.87
C TYR B 150 14.31 -8.68 17.38
N ALA B 151 13.75 -7.66 18.05
CA ALA B 151 13.85 -7.59 19.51
C ALA B 151 13.21 -8.77 20.24
N PRO B 152 12.04 -9.30 19.83
CA PRO B 152 11.52 -10.48 20.53
C PRO B 152 12.44 -11.68 20.48
N GLU B 153 13.26 -11.82 19.43
CA GLU B 153 14.26 -12.88 19.42
C GLU B 153 15.45 -12.53 20.30
N LEU B 154 15.85 -11.25 20.34
CA LEU B 154 16.87 -10.83 21.29
C LEU B 154 16.44 -11.09 22.72
N LEU B 155 15.13 -11.03 22.99
CA LEU B 155 14.62 -11.47 24.28
C LEU B 155 14.70 -12.99 24.43
N PHE B 156 14.55 -13.72 23.31
CA PHE B 156 14.63 -15.17 23.37
C PHE B 156 16.01 -15.64 23.81
N PHE B 157 17.07 -14.97 23.33
CA PHE B 157 18.41 -15.31 23.78
C PHE B 157 18.66 -14.82 25.21
N ALA B 158 17.98 -13.74 25.62
CA ALA B 158 18.16 -13.22 26.97
C ALA B 158 17.70 -14.22 28.02
N LYS B 159 16.69 -15.02 27.72
CA LYS B 159 16.23 -16.03 28.66
C LYS B 159 17.20 -17.19 28.73
N ARG B 160 17.73 -17.63 27.58
CA ARG B 160 18.74 -18.69 27.57
C ARG B 160 20.04 -18.22 28.23
N TYR B 161 20.35 -16.93 28.10
CA TYR B 161 21.52 -16.38 28.77
C TYR B 161 21.36 -16.45 30.29
N LYS B 162 20.14 -16.27 30.79
CA LYS B 162 19.88 -16.39 32.23
C LYS B 162 19.84 -17.84 32.68
N ALA B 163 19.45 -18.76 31.79
CA ALA B 163 19.36 -20.16 32.17
C ALA B 163 20.74 -20.75 32.46
N ALA B 164 21.78 -20.29 31.77
CA ALA B 164 23.12 -20.84 32.00
C ALA B 164 23.67 -20.40 33.34
N PHE B 165 23.46 -19.13 33.72
CA PHE B 165 24.02 -18.63 34.97
C PHE B 165 23.32 -19.24 36.18
N THR B 166 22.01 -19.47 36.09
CA THR B 166 21.31 -20.09 37.20
C THR B 166 21.74 -21.54 37.40
N GLU B 167 22.19 -22.21 36.34
CA GLU B 167 22.63 -23.59 36.43
C GLU B 167 24.12 -23.71 36.73
N CYS B 168 24.95 -22.90 36.07
CA CYS B 168 26.39 -23.11 36.15
C CYS B 168 27.00 -22.45 37.39
N CYS B 169 26.53 -21.27 37.78
CA CYS B 169 27.12 -20.58 38.92
C CYS B 169 26.86 -21.28 40.25
N GLN B 170 26.16 -22.41 40.24
CA GLN B 170 26.00 -23.23 41.42
C GLN B 170 26.75 -24.56 41.34
N ALA B 171 27.33 -24.89 40.19
CA ALA B 171 28.01 -26.16 40.01
C ALA B 171 29.42 -26.11 40.58
N ALA B 172 30.12 -27.23 40.48
CA ALA B 172 31.48 -27.35 40.98
C ALA B 172 32.46 -26.57 40.11
N ASP B 173 32.66 -27.03 38.88
CA ASP B 173 33.53 -26.37 37.92
C ASP B 173 32.66 -25.52 37.01
N LYS B 174 32.55 -24.23 37.35
CA LYS B 174 31.66 -23.34 36.61
C LYS B 174 32.13 -23.10 35.19
N ALA B 175 33.45 -23.11 34.96
CA ALA B 175 33.97 -22.83 33.63
C ALA B 175 33.61 -23.94 32.64
N ALA B 176 33.60 -25.19 33.08
CA ALA B 176 33.20 -26.28 32.20
C ALA B 176 31.74 -26.19 31.82
N CYS B 177 30.91 -25.54 32.64
CA CYS B 177 29.48 -25.42 32.40
C CYS B 177 29.16 -24.14 31.63
N LEU B 178 29.66 -23.00 32.11
CA LEU B 178 29.22 -21.71 31.58
C LEU B 178 29.86 -21.37 30.24
N LEU B 179 31.17 -21.61 30.11
CA LEU B 179 31.89 -21.18 28.91
C LEU B 179 31.40 -21.87 27.64
N PRO B 180 31.22 -23.20 27.60
CA PRO B 180 30.69 -23.80 26.36
C PRO B 180 29.29 -23.33 26.00
N LYS B 181 28.47 -22.99 27.00
CA LYS B 181 27.13 -22.52 26.72
C LYS B 181 27.11 -21.08 26.23
N LEU B 182 27.99 -20.24 26.78
CA LEU B 182 28.08 -18.86 26.31
C LEU B 182 28.55 -18.79 24.86
N ASP B 183 29.53 -19.61 24.50
CA ASP B 183 29.98 -19.63 23.11
C ASP B 183 28.92 -20.24 22.19
N GLU B 184 28.16 -21.21 22.68
CA GLU B 184 27.06 -21.77 21.91
C GLU B 184 26.00 -20.72 21.61
N LEU B 185 25.78 -19.79 22.54
CA LEU B 185 24.81 -18.72 22.31
C LEU B 185 25.38 -17.57 21.51
N ARG B 186 26.67 -17.26 21.70
CA ARG B 186 27.28 -16.17 20.96
C ARG B 186 27.37 -16.48 19.47
N ASP B 187 27.71 -17.72 19.12
CA ASP B 187 27.74 -18.12 17.72
C ASP B 187 26.33 -18.19 17.14
N GLU B 188 25.38 -18.69 17.94
CA GLU B 188 24.01 -18.81 17.47
C GLU B 188 23.38 -17.43 17.29
N GLY B 189 23.68 -16.49 18.17
CA GLY B 189 23.16 -15.14 18.00
C GLY B 189 23.82 -14.40 16.86
N LYS B 190 25.14 -14.57 16.70
CA LYS B 190 25.83 -13.92 15.58
C LYS B 190 25.38 -14.51 14.25
N ALA B 191 25.05 -15.80 14.21
CA ALA B 191 24.55 -16.40 12.98
C ALA B 191 23.14 -15.88 12.66
N SER B 192 22.34 -15.62 13.69
CA SER B 192 20.99 -15.12 13.46
C SER B 192 21.01 -13.69 12.95
N SER B 193 21.85 -12.83 13.53
CA SER B 193 21.98 -11.47 13.02
C SER B 193 22.54 -11.47 11.61
N ALA B 194 23.48 -12.37 11.33
CA ALA B 194 24.07 -12.43 9.99
C ALA B 194 23.07 -12.97 8.97
N LYS B 195 22.28 -13.97 9.35
CA LYS B 195 21.29 -14.52 8.43
C LYS B 195 20.22 -13.50 8.09
N GLN B 196 19.75 -12.75 9.10
CA GLN B 196 18.67 -11.79 8.86
C GLN B 196 19.09 -10.70 7.91
N ARG B 197 20.30 -10.17 8.08
CA ARG B 197 20.83 -9.18 7.13
C ARG B 197 21.17 -9.78 5.77
N LEU B 198 21.19 -11.11 5.65
CA LEU B 198 21.45 -11.70 4.34
C LEU B 198 20.17 -11.82 3.53
N LYS B 199 19.06 -12.20 4.16
CA LYS B 199 17.80 -12.37 3.45
C LYS B 199 17.33 -11.07 2.80
N CYS B 200 17.68 -9.92 3.39
CA CYS B 200 17.20 -8.64 2.88
C CYS B 200 18.16 -8.01 1.87
N ALA B 201 19.46 -8.23 2.03
CA ALA B 201 20.38 -7.87 0.97
C ALA B 201 20.14 -8.70 -0.28
N SER B 202 19.62 -9.92 -0.12
CA SER B 202 19.21 -10.71 -1.26
C SER B 202 17.91 -10.19 -1.87
N LEU B 203 17.00 -9.69 -1.02
CA LEU B 203 15.74 -9.15 -1.49
C LEU B 203 15.92 -7.90 -2.33
N GLN B 204 17.04 -7.19 -2.18
CA GLN B 204 17.26 -5.95 -2.91
C GLN B 204 17.78 -6.23 -4.32
N LYS B 205 18.90 -6.94 -4.43
CA LYS B 205 19.52 -7.15 -5.73
C LYS B 205 18.81 -8.24 -6.54
N PHE B 206 18.55 -9.39 -5.91
CA PHE B 206 17.96 -10.51 -6.64
C PHE B 206 16.48 -10.27 -6.95
N GLY B 207 15.79 -9.48 -6.14
CA GLY B 207 14.40 -9.15 -6.40
C GLY B 207 13.45 -9.97 -5.54
N GLU B 208 12.16 -9.66 -5.72
CA GLU B 208 11.13 -10.31 -4.92
C GLU B 208 10.70 -11.66 -5.49
N ARG B 209 10.84 -11.84 -6.81
CA ARG B 209 10.50 -13.13 -7.40
C ARG B 209 11.38 -14.24 -6.84
N ALA B 210 12.68 -13.97 -6.67
CA ALA B 210 13.58 -14.96 -6.11
C ALA B 210 13.20 -15.34 -4.68
N PHE B 211 12.83 -14.34 -3.88
CA PHE B 211 12.49 -14.63 -2.49
C PHE B 211 11.23 -15.47 -2.39
N LYS B 212 10.24 -15.20 -3.25
CA LYS B 212 9.01 -15.99 -3.26
C LYS B 212 9.30 -17.46 -3.55
N ALA B 213 10.25 -17.72 -4.46
CA ALA B 213 10.58 -19.11 -4.78
C ALA B 213 11.22 -19.81 -3.58
N TRP B 214 12.12 -19.13 -2.88
CA TRP B 214 12.72 -19.69 -1.66
C TRP B 214 11.63 -20.05 -0.65
N ALA B 215 10.67 -19.17 -0.43
CA ALA B 215 9.62 -19.40 0.55
C ALA B 215 8.74 -20.58 0.16
N VAL B 216 8.31 -20.64 -1.11
CA VAL B 216 7.50 -21.75 -1.57
C VAL B 216 8.19 -23.08 -1.30
N ALA B 217 9.49 -23.15 -1.60
CA ALA B 217 10.23 -24.37 -1.31
C ALA B 217 10.24 -24.68 0.18
N ARG B 218 10.58 -23.68 1.00
CA ARG B 218 10.77 -23.93 2.43
C ARG B 218 9.45 -24.24 3.11
N LEU B 219 8.42 -23.44 2.86
CA LEU B 219 7.13 -23.68 3.49
C LEU B 219 6.54 -25.03 3.09
N SER B 220 6.79 -25.47 1.86
CA SER B 220 6.25 -26.75 1.42
C SER B 220 6.94 -27.91 2.12
N GLN B 221 8.24 -27.79 2.40
CA GLN B 221 8.92 -28.80 3.22
C GLN B 221 8.38 -28.79 4.64
N ARG B 222 8.23 -27.60 5.23
CA ARG B 222 7.76 -27.50 6.62
C ARG B 222 6.31 -27.99 6.73
N PHE B 223 5.46 -27.59 5.79
CA PHE B 223 4.05 -27.96 5.79
C PHE B 223 3.76 -28.75 4.52
N PRO B 224 4.08 -30.05 4.51
CA PRO B 224 3.87 -30.85 3.30
C PRO B 224 2.41 -31.21 3.08
N LYS B 225 1.63 -31.30 4.16
CA LYS B 225 0.22 -31.64 4.06
C LYS B 225 -0.66 -30.46 3.66
N ALA B 226 -0.07 -29.33 3.27
CA ALA B 226 -0.82 -28.15 2.89
C ALA B 226 -0.95 -28.07 1.38
N GLU B 227 -2.07 -27.53 0.92
CA GLU B 227 -2.32 -27.40 -0.50
C GLU B 227 -1.59 -26.17 -1.05
N PHE B 228 -1.42 -26.17 -2.38
CA PHE B 228 -0.70 -25.07 -3.03
C PHE B 228 -1.37 -23.72 -2.77
N ALA B 229 -2.70 -23.69 -2.66
CA ALA B 229 -3.37 -22.43 -2.36
C ALA B 229 -2.97 -21.92 -0.99
N GLU B 230 -2.84 -22.81 -0.01
CA GLU B 230 -2.45 -22.39 1.33
C GLU B 230 -0.98 -21.99 1.38
N VAL B 231 -0.12 -22.70 0.63
CA VAL B 231 1.29 -22.35 0.60
C VAL B 231 1.49 -21.01 -0.10
N SER B 232 0.78 -20.77 -1.20
CA SER B 232 0.90 -19.49 -1.90
C SER B 232 0.42 -18.33 -1.03
N LYS B 233 -0.59 -18.56 -0.20
CA LYS B 233 -1.05 -17.51 0.69
C LYS B 233 -0.04 -17.26 1.81
N LEU B 234 0.54 -18.34 2.36
CA LEU B 234 1.56 -18.18 3.38
C LEU B 234 2.81 -17.52 2.83
N VAL B 235 3.17 -17.82 1.59
CA VAL B 235 4.35 -17.21 0.97
C VAL B 235 4.12 -15.72 0.72
N THR B 236 2.92 -15.36 0.24
CA THR B 236 2.64 -13.97 -0.07
C THR B 236 2.60 -13.12 1.19
N ASP B 237 2.07 -13.66 2.28
CA ASP B 237 2.06 -12.93 3.55
C ASP B 237 3.46 -12.86 4.16
N LEU B 238 4.23 -13.94 4.03
CA LEU B 238 5.58 -13.97 4.58
C LEU B 238 6.49 -12.98 3.85
N THR B 239 6.32 -12.87 2.52
CA THR B 239 7.13 -11.93 1.76
C THR B 239 6.86 -10.49 2.19
N LYS B 240 5.61 -10.16 2.48
CA LYS B 240 5.29 -8.84 3.01
C LYS B 240 5.96 -8.59 4.36
N VAL B 241 6.09 -9.63 5.18
CA VAL B 241 6.72 -9.49 6.49
C VAL B 241 8.19 -9.10 6.34
N HIS B 242 8.97 -9.96 5.69
CA HIS B 242 10.40 -9.69 5.53
C HIS B 242 10.66 -8.40 4.77
N THR B 243 9.79 -8.04 3.82
CA THR B 243 9.98 -6.80 3.09
C THR B 243 9.85 -5.60 4.02
N GLU B 244 8.86 -5.62 4.91
CA GLU B 244 8.67 -4.52 5.86
C GLU B 244 9.55 -4.68 7.09
N CYS B 245 9.83 -5.91 7.50
CA CYS B 245 10.61 -6.13 8.72
C CYS B 245 12.04 -5.61 8.57
N CYS B 246 12.55 -5.52 7.36
CA CYS B 246 13.88 -4.98 7.11
C CYS B 246 13.85 -3.51 6.73
N HIS B 247 12.68 -2.88 6.68
CA HIS B 247 12.63 -1.44 6.50
C HIS B 247 13.12 -0.72 7.73
N GLY B 248 13.10 -1.37 8.90
CA GLY B 248 13.65 -0.84 10.13
C GLY B 248 12.64 -0.72 11.26
N ASP B 249 11.37 -0.55 10.93
CA ASP B 249 10.34 -0.30 11.95
C ASP B 249 10.05 -1.59 12.70
N LEU B 250 10.36 -1.59 14.01
CA LEU B 250 10.12 -2.78 14.82
C LEU B 250 8.64 -3.02 15.05
N LEU B 251 7.84 -1.97 15.21
CA LEU B 251 6.43 -2.14 15.48
C LEU B 251 5.70 -2.73 14.27
N GLU B 252 6.00 -2.21 13.07
CA GLU B 252 5.35 -2.72 11.87
C GLU B 252 5.67 -4.20 11.63
N CYS B 253 6.87 -4.64 12.01
CA CYS B 253 7.22 -6.04 11.83
C CYS B 253 6.62 -6.92 12.92
N ALA B 254 6.53 -6.40 14.14
CA ALA B 254 5.99 -7.19 15.24
C ALA B 254 4.53 -7.53 15.00
N ASP B 255 3.75 -6.57 14.51
CA ASP B 255 2.33 -6.83 14.26
C ASP B 255 2.13 -7.71 13.02
N ASP B 256 3.00 -7.58 12.02
CA ASP B 256 2.90 -8.44 10.84
C ASP B 256 3.13 -9.90 11.22
N ARG B 257 4.20 -10.19 11.97
CA ARG B 257 4.45 -11.56 12.39
C ARG B 257 3.37 -12.07 13.32
N ALA B 258 2.82 -11.21 14.17
CA ALA B 258 1.73 -11.63 15.05
C ALA B 258 0.49 -12.00 14.25
N ASP B 259 0.18 -11.22 13.20
CA ASP B 259 -0.98 -11.53 12.37
C ASP B 259 -0.77 -12.82 11.60
N LEU B 260 0.42 -13.03 11.05
CA LEU B 260 0.70 -14.27 10.35
C LEU B 260 0.57 -15.48 11.28
N ALA B 261 1.05 -15.34 12.52
CA ALA B 261 0.94 -16.43 13.48
C ALA B 261 -0.51 -16.74 13.82
N LYS B 262 -1.39 -15.74 13.75
CA LYS B 262 -2.81 -15.97 13.97
C LYS B 262 -3.41 -16.79 12.84
N TYR B 263 -3.08 -16.46 11.59
CA TYR B 263 -3.54 -17.24 10.45
C TYR B 263 -3.07 -18.69 10.56
N ILE B 264 -1.82 -18.89 10.97
CA ILE B 264 -1.24 -20.23 10.99
C ILE B 264 -1.92 -21.09 12.06
N CYS B 265 -2.24 -20.50 13.21
CA CYS B 265 -2.84 -21.28 14.28
C CYS B 265 -4.33 -21.50 14.06
N GLU B 266 -5.02 -20.51 13.47
CA GLU B 266 -6.44 -20.66 13.21
C GLU B 266 -6.70 -21.69 12.12
N ASN B 267 -5.74 -21.91 11.22
CA ASN B 267 -5.89 -22.88 10.15
C ASN B 267 -4.86 -23.99 10.27
N GLN B 268 -4.71 -24.55 11.48
CA GLN B 268 -3.71 -25.58 11.69
C GLN B 268 -4.02 -26.84 10.88
N ASP B 269 -5.29 -27.23 10.81
CA ASP B 269 -5.68 -28.44 10.08
C ASP B 269 -5.45 -28.31 8.58
N SER B 270 -5.14 -27.12 8.08
CA SER B 270 -4.81 -26.92 6.68
C SER B 270 -3.32 -26.70 6.46
N ILE B 271 -2.51 -26.72 7.50
CA ILE B 271 -1.08 -26.41 7.37
C ILE B 271 -0.23 -27.56 7.90
N SER B 272 -0.20 -27.74 9.22
CA SER B 272 0.67 -28.75 9.82
C SER B 272 0.06 -29.23 11.13
N SER B 273 0.51 -30.41 11.57
CA SER B 273 0.06 -31.00 12.82
C SER B 273 1.05 -30.81 13.97
N LYS B 274 2.25 -30.33 13.68
CA LYS B 274 3.27 -30.11 14.70
C LYS B 274 3.26 -28.70 15.27
N LEU B 275 2.19 -27.94 15.04
CA LEU B 275 2.09 -26.56 15.51
C LEU B 275 1.20 -26.42 16.74
N LYS B 276 0.83 -27.53 17.38
CA LYS B 276 -0.02 -27.44 18.55
C LYS B 276 0.71 -26.82 19.73
N GLU B 277 1.89 -27.34 20.05
CA GLU B 277 2.65 -26.81 21.19
C GLU B 277 3.17 -25.40 20.91
N CYS B 278 3.45 -25.09 19.65
CA CYS B 278 3.98 -23.76 19.32
C CYS B 278 2.97 -22.66 19.61
N CYS B 279 1.68 -22.93 19.47
CA CYS B 279 0.68 -21.90 19.74
C CYS B 279 0.21 -21.88 21.18
N GLU B 280 0.60 -22.88 21.99
CA GLU B 280 0.34 -22.81 23.43
C GLU B 280 1.28 -21.84 24.12
N LYS B 281 2.39 -21.47 23.48
CA LYS B 281 3.30 -20.47 24.01
C LYS B 281 2.63 -19.10 24.01
N PRO B 282 3.13 -18.14 24.80
CA PRO B 282 2.55 -16.80 24.80
C PRO B 282 2.66 -16.09 23.46
N LEU B 283 2.15 -14.86 23.38
CA LEU B 283 2.12 -14.15 22.11
C LEU B 283 3.51 -13.76 21.64
N LEU B 284 4.41 -13.41 22.56
CA LEU B 284 5.75 -12.99 22.17
C LEU B 284 6.55 -14.12 21.54
N GLU B 285 6.20 -15.38 21.85
CA GLU B 285 6.97 -16.53 21.39
C GLU B 285 6.33 -17.26 20.22
N LYS B 286 5.16 -16.82 19.76
CA LYS B 286 4.43 -17.57 18.72
C LYS B 286 5.20 -17.60 17.41
N SER B 287 5.46 -16.42 16.83
CA SER B 287 6.09 -16.36 15.52
C SER B 287 7.48 -16.99 15.51
N HIS B 288 8.19 -16.92 16.64
CA HIS B 288 9.51 -17.54 16.70
C HIS B 288 9.41 -19.06 16.73
N CYS B 289 8.44 -19.59 17.49
CA CYS B 289 8.27 -21.03 17.58
C CYS B 289 7.91 -21.63 16.22
N ILE B 290 6.97 -21.01 15.52
CA ILE B 290 6.56 -21.52 14.22
C ILE B 290 7.72 -21.46 13.23
N ALA B 291 8.52 -20.40 13.29
CA ALA B 291 9.67 -20.30 12.39
C ALA B 291 10.68 -21.42 12.63
N GLU B 292 10.72 -21.97 13.84
CA GLU B 292 11.62 -23.06 14.20
C GLU B 292 10.89 -24.40 14.33
N VAL B 293 9.69 -24.51 13.78
CA VAL B 293 8.90 -25.73 13.94
C VAL B 293 9.50 -26.84 13.09
N GLU B 294 9.31 -28.08 13.54
CA GLU B 294 9.77 -29.22 12.76
C GLU B 294 8.88 -29.43 11.55
N ASN B 295 9.42 -30.12 10.55
CA ASN B 295 8.66 -30.42 9.35
C ASN B 295 7.65 -31.52 9.64
N ASP B 296 6.41 -31.31 9.20
CA ASP B 296 5.37 -32.31 9.39
C ASP B 296 5.65 -33.54 8.53
N GLU B 297 5.03 -34.66 8.91
CA GLU B 297 5.19 -35.89 8.15
C GLU B 297 4.65 -35.73 6.74
N MET B 298 5.38 -36.30 5.77
CA MET B 298 4.98 -36.22 4.38
C MET B 298 3.69 -37.01 4.16
N PRO B 299 2.80 -36.55 3.29
CA PRO B 299 1.60 -37.33 2.97
C PRO B 299 1.95 -38.75 2.52
N ALA B 300 1.07 -39.68 2.85
CA ALA B 300 1.34 -41.10 2.65
C ALA B 300 1.34 -41.43 1.16
N ASP B 301 2.52 -41.83 0.66
CA ASP B 301 2.68 -42.36 -0.70
C ASP B 301 2.17 -41.37 -1.75
N LEU B 302 2.84 -40.22 -1.80
CA LEU B 302 2.49 -39.22 -2.80
C LEU B 302 2.86 -39.70 -4.19
N PRO B 303 1.98 -39.49 -5.18
CA PRO B 303 2.30 -39.91 -6.56
C PRO B 303 3.52 -39.19 -7.10
N SER B 304 4.04 -39.71 -8.21
CA SER B 304 5.18 -39.09 -8.85
C SER B 304 4.78 -37.80 -9.55
N LEU B 305 5.76 -36.91 -9.71
CA LEU B 305 5.51 -35.63 -10.36
C LEU B 305 5.59 -35.70 -11.88
N ALA B 306 5.65 -36.91 -12.45
CA ALA B 306 5.76 -37.04 -13.89
C ALA B 306 4.42 -36.92 -14.60
N ALA B 307 3.33 -37.27 -13.91
CA ALA B 307 2.01 -37.23 -14.54
C ALA B 307 1.61 -35.80 -14.88
N ASP B 308 1.79 -34.87 -13.94
CA ASP B 308 1.34 -33.50 -14.12
C ASP B 308 2.38 -32.62 -14.80
N PHE B 309 3.66 -32.95 -14.69
CA PHE B 309 4.72 -32.08 -15.16
C PHE B 309 5.52 -32.67 -16.33
N VAL B 310 5.13 -33.83 -16.84
CA VAL B 310 5.90 -34.47 -17.91
C VAL B 310 4.98 -35.21 -18.88
N GLU B 311 4.00 -35.95 -18.34
CA GLU B 311 3.14 -36.78 -19.18
C GLU B 311 2.10 -35.95 -19.93
N SER B 312 1.39 -35.07 -19.23
CA SER B 312 0.28 -34.34 -19.83
C SER B 312 0.75 -33.46 -20.98
N LYS B 313 -0.14 -33.27 -21.95
CA LYS B 313 0.13 -32.39 -23.08
C LYS B 313 -0.26 -30.94 -22.79
N ASP B 314 -0.93 -30.69 -21.67
CA ASP B 314 -1.28 -29.34 -21.25
C ASP B 314 -0.17 -28.67 -20.45
N VAL B 315 0.99 -29.31 -20.32
CA VAL B 315 2.10 -28.71 -19.58
C VAL B 315 2.47 -27.37 -20.19
N CYS B 316 2.64 -27.32 -21.51
CA CYS B 316 2.96 -26.07 -22.18
C CYS B 316 1.79 -25.08 -22.12
N LYS B 317 0.56 -25.58 -22.17
CA LYS B 317 -0.59 -24.69 -22.06
C LYS B 317 -0.72 -24.13 -20.65
N ASN B 318 -0.62 -25.00 -19.64
CA ASN B 318 -0.72 -24.53 -18.26
C ASN B 318 0.48 -23.66 -17.88
N TYR B 319 1.66 -23.94 -18.43
CA TYR B 319 2.82 -23.11 -18.15
C TYR B 319 2.68 -21.74 -18.78
N ALA B 320 2.12 -21.68 -19.99
CA ALA B 320 1.99 -20.39 -20.66
C ALA B 320 0.95 -19.49 -19.99
N GLU B 321 -0.08 -20.10 -19.39
CA GLU B 321 -1.13 -19.31 -18.75
C GLU B 321 -0.55 -18.44 -17.64
N ALA B 322 0.31 -19.04 -16.80
CA ALA B 322 0.96 -18.31 -15.71
C ALA B 322 2.24 -19.09 -15.39
N LYS B 323 3.37 -18.61 -15.91
CA LYS B 323 4.62 -19.36 -15.78
C LYS B 323 5.04 -19.50 -14.32
N ASP B 324 5.08 -18.39 -13.59
CA ASP B 324 5.54 -18.43 -12.20
C ASP B 324 4.59 -19.23 -11.32
N VAL B 325 3.29 -19.27 -11.67
CA VAL B 325 2.36 -20.09 -10.90
C VAL B 325 2.62 -21.57 -11.18
N PHE B 326 2.84 -21.92 -12.45
CA PHE B 326 3.10 -23.32 -12.80
C PHE B 326 4.42 -23.79 -12.18
N LEU B 327 5.48 -23.01 -12.39
CA LEU B 327 6.77 -23.32 -11.75
C LEU B 327 6.63 -23.36 -10.23
N GLY B 328 5.75 -22.54 -9.66
CA GLY B 328 5.50 -22.60 -8.23
C GLY B 328 4.84 -23.88 -7.80
N MET B 329 4.04 -24.49 -8.67
CA MET B 329 3.43 -25.78 -8.34
C MET B 329 4.45 -26.90 -8.42
N PHE B 330 5.34 -26.86 -9.42
CA PHE B 330 6.40 -27.85 -9.53
C PHE B 330 7.31 -27.81 -8.31
N LEU B 331 7.83 -26.61 -7.99
CA LEU B 331 8.68 -26.45 -6.82
C LEU B 331 7.96 -26.92 -5.55
N TYR B 332 6.67 -26.57 -5.43
CA TYR B 332 5.88 -27.04 -4.29
C TYR B 332 5.84 -28.56 -4.22
N GLU B 333 5.60 -29.22 -5.36
CA GLU B 333 5.47 -30.67 -5.35
C GLU B 333 6.82 -31.36 -5.14
N TYR B 334 7.90 -30.77 -5.67
CA TYR B 334 9.22 -31.35 -5.46
C TYR B 334 9.74 -31.10 -4.05
N ALA B 335 9.38 -29.97 -3.44
CA ALA B 335 9.90 -29.65 -2.12
C ALA B 335 9.27 -30.53 -1.05
N ARG B 336 7.93 -30.65 -1.07
CA ARG B 336 7.24 -31.44 -0.04
C ARG B 336 7.55 -32.92 -0.16
N ARG B 337 7.95 -33.40 -1.34
CA ARG B 337 8.28 -34.81 -1.48
C ARG B 337 9.71 -35.10 -1.04
N HIS B 338 10.61 -34.13 -1.19
CA HIS B 338 12.02 -34.29 -0.84
C HIS B 338 12.40 -33.25 0.21
N PRO B 339 12.04 -33.46 1.47
CA PRO B 339 12.45 -32.52 2.53
C PRO B 339 13.93 -32.60 2.84
N ASP B 340 14.59 -33.72 2.51
CA ASP B 340 16.01 -33.88 2.79
C ASP B 340 16.89 -33.01 1.91
N TYR B 341 16.32 -32.36 0.89
CA TYR B 341 17.13 -31.52 0.02
C TYR B 341 17.34 -30.15 0.64
N SER B 342 18.28 -29.40 0.08
CA SER B 342 18.46 -28.01 0.46
C SER B 342 17.55 -27.13 -0.38
N VAL B 343 17.30 -25.92 0.12
CA VAL B 343 16.40 -25.03 -0.60
C VAL B 343 17.02 -24.59 -1.93
N VAL B 344 18.35 -24.39 -1.94
CA VAL B 344 19.00 -23.98 -3.18
C VAL B 344 18.97 -25.10 -4.21
N LEU B 345 19.07 -26.36 -3.77
CA LEU B 345 19.02 -27.48 -4.70
C LEU B 345 17.69 -27.53 -5.42
N LEU B 346 16.59 -27.37 -4.68
CA LEU B 346 15.27 -27.33 -5.30
C LEU B 346 15.15 -26.16 -6.27
N LEU B 347 15.82 -25.05 -5.97
CA LEU B 347 15.82 -23.92 -6.89
C LEU B 347 16.59 -24.22 -8.17
N ARG B 348 17.71 -24.95 -8.05
CA ARG B 348 18.44 -25.37 -9.24
C ARG B 348 17.60 -26.32 -10.09
N LEU B 349 16.80 -27.18 -9.46
CA LEU B 349 15.93 -28.06 -10.22
C LEU B 349 14.86 -27.28 -10.97
N ALA B 350 14.20 -26.34 -10.28
CA ALA B 350 13.13 -25.57 -10.90
C ALA B 350 13.64 -24.72 -12.04
N LYS B 351 14.79 -24.06 -11.85
CA LYS B 351 15.36 -23.25 -12.92
C LYS B 351 15.60 -24.07 -14.18
N THR B 352 16.16 -25.27 -14.03
CA THR B 352 16.39 -26.12 -15.20
C THR B 352 15.07 -26.54 -15.83
N TYR B 353 14.07 -26.88 -15.01
CA TYR B 353 12.75 -27.19 -15.55
C TYR B 353 12.13 -25.98 -16.25
N GLU B 354 12.42 -24.77 -15.77
CA GLU B 354 11.98 -23.58 -16.48
C GLU B 354 12.78 -23.39 -17.77
N THR B 355 14.10 -23.53 -17.68
CA THR B 355 14.94 -23.39 -18.87
C THR B 355 14.55 -24.40 -19.94
N THR B 356 14.11 -25.60 -19.53
CA THR B 356 13.70 -26.60 -20.50
C THR B 356 12.40 -26.21 -21.18
N LEU B 357 11.39 -25.81 -20.41
CA LEU B 357 10.09 -25.49 -20.97
C LEU B 357 10.16 -24.27 -21.89
N GLU B 358 11.08 -23.34 -21.63
CA GLU B 358 11.21 -22.17 -22.49
C GLU B 358 11.57 -22.58 -23.92
N LYS B 359 12.47 -23.55 -24.06
CA LYS B 359 12.90 -23.99 -25.39
C LYS B 359 12.04 -25.13 -25.91
N CYS B 360 11.61 -26.05 -25.04
CA CYS B 360 10.87 -27.22 -25.49
C CYS B 360 9.46 -26.84 -25.94
N CYS B 361 8.78 -25.96 -25.20
CA CYS B 361 7.42 -25.58 -25.58
C CYS B 361 7.36 -24.71 -26.83
N ALA B 362 8.50 -24.39 -27.43
CA ALA B 362 8.57 -23.68 -28.70
C ALA B 362 9.01 -24.61 -29.83
N ALA B 363 8.65 -25.89 -29.74
CA ALA B 363 9.08 -26.90 -30.70
C ALA B 363 7.88 -27.69 -31.18
N ALA B 364 8.12 -28.55 -32.18
CA ALA B 364 7.03 -29.30 -32.80
C ALA B 364 6.43 -30.30 -31.83
N ASP B 365 7.25 -31.21 -31.31
CA ASP B 365 6.79 -32.24 -30.37
C ASP B 365 7.36 -31.93 -28.99
N PRO B 366 6.65 -31.16 -28.16
CA PRO B 366 7.21 -30.84 -26.83
C PRO B 366 7.28 -32.04 -25.92
N HIS B 367 6.32 -32.96 -26.00
CA HIS B 367 6.35 -34.14 -25.14
C HIS B 367 7.63 -34.94 -25.36
N GLU B 368 8.11 -35.01 -26.60
CA GLU B 368 9.39 -35.64 -26.89
C GLU B 368 10.58 -34.76 -26.51
N CYS B 369 10.37 -33.45 -26.38
CA CYS B 369 11.47 -32.56 -26.06
C CYS B 369 11.80 -32.59 -24.57
N TYR B 370 10.78 -32.48 -23.72
CA TYR B 370 10.97 -32.48 -22.28
C TYR B 370 10.68 -33.83 -21.63
N ALA B 371 10.74 -34.92 -22.42
CA ALA B 371 10.53 -36.24 -21.83
C ALA B 371 11.66 -36.62 -20.89
N LYS B 372 12.87 -36.11 -21.15
CA LYS B 372 14.02 -36.44 -20.32
C LYS B 372 14.45 -35.26 -19.45
N VAL B 373 13.51 -34.74 -18.65
CA VAL B 373 13.84 -33.64 -17.74
C VAL B 373 14.31 -34.16 -16.39
N PHE B 374 13.60 -35.15 -15.83
CA PHE B 374 14.00 -35.71 -14.54
C PHE B 374 15.33 -36.46 -14.63
N ASP B 375 15.77 -36.81 -15.84
CA ASP B 375 17.14 -37.29 -15.99
C ASP B 375 18.15 -36.19 -15.73
N GLU B 376 17.78 -34.93 -16.03
CA GLU B 376 18.70 -33.82 -15.80
C GLU B 376 18.83 -33.49 -14.32
N PHE B 377 17.88 -33.91 -13.50
CA PHE B 377 17.96 -33.67 -12.06
C PHE B 377 18.96 -34.59 -11.38
N LYS B 378 19.42 -35.64 -12.05
CA LYS B 378 20.35 -36.58 -11.42
C LYS B 378 21.71 -35.95 -11.12
N PRO B 379 22.40 -35.30 -12.05
CA PRO B 379 23.70 -34.70 -11.69
C PRO B 379 23.59 -33.55 -10.70
N LEU B 380 22.45 -32.84 -10.68
CA LEU B 380 22.29 -31.75 -9.73
C LEU B 380 22.00 -32.23 -8.32
N VAL B 381 21.27 -33.33 -8.17
CA VAL B 381 21.00 -33.89 -6.85
C VAL B 381 22.22 -34.63 -6.31
N GLU B 382 22.96 -35.32 -7.19
CA GLU B 382 24.11 -36.08 -6.73
C GLU B 382 25.24 -35.19 -6.26
N GLU B 383 25.40 -34.02 -6.88
CA GLU B 383 26.56 -33.17 -6.59
C GLU B 383 26.67 -32.79 -5.12
N PRO B 384 25.62 -32.37 -4.41
CA PRO B 384 25.77 -32.10 -2.97
C PRO B 384 25.70 -33.35 -2.12
N GLN B 385 25.19 -34.46 -2.64
CA GLN B 385 25.17 -35.70 -1.85
C GLN B 385 26.54 -36.34 -1.77
N ASN B 386 27.34 -36.21 -2.83
CA ASN B 386 28.67 -36.80 -2.82
C ASN B 386 29.66 -35.94 -2.04
N LEU B 387 29.51 -34.62 -2.08
CA LEU B 387 30.41 -33.76 -1.31
C LEU B 387 30.25 -34.00 0.18
N ILE B 388 29.05 -34.34 0.63
CA ILE B 388 28.88 -34.69 2.04
C ILE B 388 29.54 -36.02 2.34
N LYS B 389 29.32 -37.02 1.47
CA LYS B 389 29.99 -38.31 1.64
C LYS B 389 31.50 -38.18 1.53
N GLN B 390 31.98 -37.18 0.77
CA GLN B 390 33.41 -36.94 0.67
C GLN B 390 33.95 -36.27 1.93
N ASN B 391 33.22 -35.29 2.46
CA ASN B 391 33.72 -34.51 3.58
C ASN B 391 33.36 -35.10 4.94
N CYS B 392 32.16 -35.66 5.10
CA CYS B 392 31.79 -36.24 6.38
C CYS B 392 32.60 -37.50 6.69
N GLU B 393 33.03 -38.23 5.65
CA GLU B 393 33.93 -39.35 5.89
C GLU B 393 35.31 -38.87 6.32
N LEU B 394 35.82 -37.84 5.66
CA LEU B 394 37.12 -37.27 6.03
C LEU B 394 37.07 -36.64 7.42
N PHE B 395 35.91 -36.17 7.85
CA PHE B 395 35.79 -35.60 9.19
C PHE B 395 35.95 -36.68 10.26
N GLU B 396 35.21 -37.78 10.13
CA GLU B 396 35.31 -38.85 11.12
C GLU B 396 36.56 -39.69 10.95
N GLN B 397 37.14 -39.73 9.74
CA GLN B 397 38.42 -40.40 9.57
C GLN B 397 39.52 -39.62 10.27
N LEU B 398 39.50 -38.29 10.16
CA LEU B 398 40.42 -37.45 10.90
C LEU B 398 39.75 -36.92 12.15
N GLY B 399 40.11 -35.70 12.55
CA GLY B 399 39.42 -35.02 13.63
C GLY B 399 39.07 -33.61 13.21
N GLU B 400 38.26 -32.95 14.04
CA GLU B 400 37.83 -31.60 13.72
C GLU B 400 39.02 -30.68 13.47
N TYR B 401 40.07 -30.79 14.28
CA TYR B 401 41.26 -29.98 14.07
C TYR B 401 41.99 -30.40 12.80
N LYS B 402 42.20 -31.69 12.61
CA LYS B 402 42.87 -32.16 11.40
C LYS B 402 42.02 -31.92 10.16
N PHE B 403 40.69 -31.95 10.31
CA PHE B 403 39.82 -31.62 9.19
C PHE B 403 39.97 -30.15 8.79
N GLN B 404 40.01 -29.24 9.78
CA GLN B 404 40.20 -27.83 9.49
C GLN B 404 41.53 -27.59 8.79
N ASN B 405 42.59 -28.25 9.24
CA ASN B 405 43.89 -28.11 8.58
C ASN B 405 43.87 -28.73 7.19
N ALA B 406 43.08 -29.78 6.99
CA ALA B 406 42.98 -30.37 5.66
C ALA B 406 42.30 -29.41 4.70
N LEU B 407 41.21 -28.77 5.14
CA LEU B 407 40.57 -27.75 4.33
C LEU B 407 41.46 -26.52 4.16
N LEU B 408 42.36 -26.29 5.13
CA LEU B 408 43.21 -25.11 5.07
C LEU B 408 44.26 -25.22 4.00
N VAL B 409 44.77 -26.44 3.75
CA VAL B 409 45.74 -26.63 2.68
C VAL B 409 45.06 -26.53 1.33
N ARG B 410 43.88 -27.14 1.18
CA ARG B 410 43.20 -27.16 -0.11
C ARG B 410 42.81 -25.76 -0.55
N TYR B 411 42.21 -24.97 0.36
CA TYR B 411 41.66 -23.69 -0.02
C TYR B 411 42.74 -22.61 -0.15
N THR B 412 43.85 -22.75 0.57
CA THR B 412 44.97 -21.85 0.32
C THR B 412 45.55 -22.08 -1.06
N LYS B 413 45.67 -23.34 -1.48
CA LYS B 413 46.21 -23.65 -2.79
C LYS B 413 45.29 -23.17 -3.91
N LYS B 414 43.98 -23.19 -3.69
CA LYS B 414 43.04 -22.69 -4.69
C LYS B 414 43.14 -21.18 -4.84
N VAL B 415 42.86 -20.45 -3.77
CA VAL B 415 42.92 -18.99 -3.78
C VAL B 415 43.94 -18.51 -2.75
N PRO B 416 45.23 -18.50 -3.08
CA PRO B 416 46.24 -18.00 -2.12
C PRO B 416 46.26 -16.49 -1.98
N GLN B 417 45.64 -15.74 -2.90
CA GLN B 417 45.63 -14.29 -2.80
C GLN B 417 44.91 -13.81 -1.55
N VAL B 418 44.04 -14.63 -0.96
CA VAL B 418 43.34 -14.25 0.26
C VAL B 418 44.34 -14.13 1.40
N SER B 419 44.11 -13.16 2.29
CA SER B 419 45.01 -12.94 3.40
C SER B 419 45.04 -14.16 4.32
N THR B 420 46.10 -14.25 5.13
CA THR B 420 46.24 -15.41 6.00
C THR B 420 45.15 -15.50 7.07
N PRO B 421 44.89 -14.46 7.87
CA PRO B 421 43.83 -14.61 8.90
C PRO B 421 42.46 -14.90 8.32
N THR B 422 42.15 -14.40 7.12
CA THR B 422 40.88 -14.74 6.50
C THR B 422 40.81 -16.21 6.14
N LEU B 423 41.90 -16.76 5.58
CA LEU B 423 41.94 -18.19 5.28
C LEU B 423 41.88 -19.03 6.54
N VAL B 424 42.31 -18.49 7.68
CA VAL B 424 42.27 -19.24 8.93
C VAL B 424 40.84 -19.32 9.44
N GLU B 425 40.21 -18.18 9.70
CA GLU B 425 38.86 -18.16 10.27
C GLU B 425 37.86 -18.85 9.36
N VAL B 426 38.03 -18.76 8.05
CA VAL B 426 37.08 -19.40 7.14
C VAL B 426 37.21 -20.91 7.23
N SER B 427 38.42 -21.45 7.04
CA SER B 427 38.63 -22.89 7.14
C SER B 427 38.33 -23.43 8.53
N ARG B 428 38.46 -22.60 9.57
CA ARG B 428 38.12 -23.06 10.91
C ARG B 428 36.61 -23.21 11.07
N ASN B 429 35.84 -22.23 10.60
CA ASN B 429 34.39 -22.33 10.70
C ASN B 429 33.83 -23.39 9.77
N LEU B 430 34.49 -23.64 8.64
CA LEU B 430 34.02 -24.68 7.72
C LEU B 430 34.12 -26.07 8.36
N GLY B 431 35.20 -26.32 9.10
CA GLY B 431 35.33 -27.59 9.79
C GLY B 431 34.33 -27.75 10.92
N LYS B 432 33.89 -26.64 11.50
CA LYS B 432 32.85 -26.69 12.52
C LYS B 432 31.49 -27.10 11.95
N VAL B 433 31.28 -26.89 10.65
CA VAL B 433 30.01 -27.28 10.03
C VAL B 433 29.86 -28.79 10.04
N GLY B 434 30.92 -29.51 9.62
CA GLY B 434 30.87 -30.96 9.63
C GLY B 434 30.75 -31.56 11.01
N SER B 435 31.20 -30.83 12.04
CA SER B 435 31.20 -31.40 13.39
C SER B 435 29.80 -31.42 14.00
N LYS B 436 28.92 -30.54 13.55
CA LYS B 436 27.58 -30.43 14.11
C LYS B 436 26.51 -31.08 13.24
N CYS B 437 26.87 -31.58 12.06
CA CYS B 437 25.87 -32.13 11.15
C CYS B 437 26.26 -33.39 10.43
N CYS B 438 27.54 -33.81 10.45
CA CYS B 438 27.83 -35.17 10.05
C CYS B 438 27.30 -36.18 11.07
N LYS B 439 27.02 -35.73 12.29
CA LYS B 439 26.35 -36.55 13.29
C LYS B 439 24.85 -36.62 13.05
N HIS B 440 24.31 -35.72 12.23
CA HIS B 440 22.93 -35.83 11.78
C HIS B 440 22.79 -37.01 10.81
N PRO B 441 21.59 -37.58 10.71
CA PRO B 441 21.36 -38.64 9.72
C PRO B 441 21.44 -38.13 8.29
N GLU B 442 21.27 -39.02 7.31
CA GLU B 442 21.41 -38.65 5.90
C GLU B 442 20.33 -37.68 5.43
N ALA B 443 19.34 -37.37 6.29
CA ALA B 443 18.27 -36.45 5.93
C ALA B 443 18.65 -35.01 6.22
N LYS B 444 19.01 -34.70 7.46
CA LYS B 444 19.28 -33.33 7.88
C LYS B 444 20.65 -32.83 7.46
N ARG B 445 21.44 -33.62 6.73
CA ARG B 445 22.78 -33.19 6.35
C ARG B 445 22.72 -32.04 5.34
N MET B 446 21.90 -32.19 4.29
CA MET B 446 21.80 -31.13 3.29
C MET B 446 21.19 -29.84 3.85
N PRO B 447 20.04 -29.88 4.55
CA PRO B 447 19.50 -28.61 5.06
C PRO B 447 20.46 -27.85 5.96
N CYS B 448 21.08 -28.53 6.93
CA CYS B 448 22.02 -27.86 7.81
C CYS B 448 23.19 -27.25 7.05
N ALA B 449 23.82 -28.05 6.18
CA ALA B 449 24.95 -27.58 5.39
C ALA B 449 24.61 -26.27 4.67
N GLU B 450 23.42 -26.19 4.08
CA GLU B 450 23.01 -24.94 3.44
C GLU B 450 22.98 -23.79 4.43
N ASP B 451 22.45 -24.02 5.63
CA ASP B 451 22.32 -22.96 6.61
C ASP B 451 23.70 -22.46 7.06
N TYR B 452 24.58 -23.39 7.41
CA TYR B 452 25.89 -23.00 7.95
C TYR B 452 26.86 -22.56 6.87
N LEU B 453 26.80 -23.15 5.68
CA LEU B 453 27.65 -22.68 4.59
C LEU B 453 27.25 -21.29 4.13
N SER B 454 25.96 -20.96 4.18
CA SER B 454 25.53 -19.63 3.76
C SER B 454 26.05 -18.54 4.68
N VAL B 455 26.21 -18.83 5.97
CA VAL B 455 26.78 -17.87 6.90
C VAL B 455 28.28 -17.76 6.69
N VAL B 456 28.96 -18.90 6.62
CA VAL B 456 30.42 -18.89 6.49
C VAL B 456 30.84 -18.27 5.16
N LEU B 457 30.13 -18.61 4.08
CA LEU B 457 30.49 -18.07 2.77
C LEU B 457 30.13 -16.60 2.64
N ASN B 458 29.15 -16.12 3.40
CA ASN B 458 28.81 -14.70 3.31
C ASN B 458 29.79 -13.85 4.11
N GLN B 459 30.14 -14.28 5.32
CA GLN B 459 31.14 -13.55 6.09
C GLN B 459 32.48 -13.51 5.37
N LEU B 460 32.78 -14.54 4.57
CA LEU B 460 33.96 -14.51 3.73
C LEU B 460 33.84 -13.45 2.65
N CYS B 461 32.67 -13.39 1.99
CA CYS B 461 32.44 -12.38 0.97
C CYS B 461 32.40 -10.99 1.57
N VAL B 462 31.90 -10.86 2.80
CA VAL B 462 31.85 -9.55 3.45
C VAL B 462 33.26 -9.03 3.69
N LEU B 463 34.10 -9.84 4.34
CA LEU B 463 35.48 -9.44 4.56
C LEU B 463 36.23 -9.25 3.25
N HIS B 464 35.83 -9.98 2.20
CA HIS B 464 36.46 -9.80 0.89
C HIS B 464 35.90 -8.59 0.16
N GLU B 465 34.63 -8.25 0.40
CA GLU B 465 34.08 -7.04 -0.20
C GLU B 465 34.73 -5.79 0.39
N LYS B 466 34.95 -5.80 1.71
CA LYS B 466 35.57 -4.65 2.36
C LYS B 466 37.03 -4.50 1.95
N THR B 467 37.72 -5.60 1.66
CA THR B 467 39.12 -5.58 1.25
C THR B 467 39.29 -6.59 0.12
N PRO B 468 39.07 -6.18 -1.12
CA PRO B 468 39.20 -7.11 -2.25
C PRO B 468 40.63 -7.57 -2.44
N VAL B 469 40.76 -8.73 -3.10
CA VAL B 469 42.08 -9.33 -3.33
C VAL B 469 42.04 -10.26 -4.54
N SER B 470 41.07 -11.18 -4.56
CA SER B 470 41.00 -12.20 -5.59
C SER B 470 39.88 -11.90 -6.59
N ASP B 471 40.10 -12.31 -7.83
CA ASP B 471 39.09 -12.08 -8.86
C ASP B 471 38.07 -13.21 -8.88
N ARG B 472 38.51 -14.44 -8.64
CA ARG B 472 37.58 -15.57 -8.63
C ARG B 472 36.66 -15.54 -7.41
N VAL B 473 37.14 -15.02 -6.28
CA VAL B 473 36.30 -14.89 -5.10
C VAL B 473 35.19 -13.87 -5.36
N THR B 474 35.53 -12.74 -5.98
CA THR B 474 34.51 -11.75 -6.33
C THR B 474 33.50 -12.34 -7.30
N LYS B 475 33.95 -13.20 -8.23
CA LYS B 475 33.04 -13.84 -9.17
C LYS B 475 32.04 -14.74 -8.45
N CYS B 476 32.50 -15.49 -7.44
CA CYS B 476 31.62 -16.38 -6.70
C CYS B 476 30.80 -15.64 -5.64
N CYS B 477 31.21 -14.44 -5.24
CA CYS B 477 30.43 -13.65 -4.29
C CYS B 477 29.36 -12.81 -4.97
N THR B 478 29.61 -12.37 -6.21
CA THR B 478 28.62 -11.62 -6.96
C THR B 478 27.63 -12.51 -7.68
N GLU B 479 27.82 -13.83 -7.66
CA GLU B 479 26.93 -14.74 -8.35
C GLU B 479 25.61 -14.86 -7.58
N SER B 480 24.67 -15.63 -8.15
CA SER B 480 23.38 -15.80 -7.53
C SER B 480 23.50 -16.67 -6.27
N LEU B 481 22.42 -16.66 -5.48
CA LEU B 481 22.44 -17.41 -4.22
C LEU B 481 22.47 -18.91 -4.44
N VAL B 482 21.90 -19.38 -5.56
CA VAL B 482 21.95 -20.81 -5.86
C VAL B 482 23.28 -21.20 -6.50
N ASN B 483 24.03 -20.24 -7.02
CA ASN B 483 25.32 -20.51 -7.66
C ASN B 483 26.50 -20.10 -6.79
N ARG B 484 26.26 -19.69 -5.54
CA ARG B 484 27.37 -19.28 -4.68
C ARG B 484 28.19 -20.47 -4.22
N ARG B 485 27.54 -21.45 -3.57
CA ARG B 485 28.26 -22.63 -3.11
C ARG B 485 28.86 -23.44 -4.25
N PRO B 486 28.15 -23.72 -5.36
CA PRO B 486 28.82 -24.45 -6.46
C PRO B 486 29.98 -23.69 -7.08
N CYS B 487 29.94 -22.36 -7.08
CA CYS B 487 31.06 -21.60 -7.63
C CYS B 487 32.32 -21.77 -6.78
N PHE B 488 32.17 -21.71 -5.47
CA PHE B 488 33.32 -21.96 -4.60
C PHE B 488 33.78 -23.42 -4.71
N SER B 489 32.85 -24.36 -4.87
CA SER B 489 33.24 -25.75 -5.05
C SER B 489 33.96 -25.96 -6.38
N ALA B 490 33.72 -25.09 -7.35
CA ALA B 490 34.37 -25.12 -8.66
C ALA B 490 35.72 -24.42 -8.68
N LEU B 491 36.15 -23.84 -7.56
CA LEU B 491 37.47 -23.22 -7.50
C LEU B 491 38.56 -24.28 -7.58
N GLU B 492 39.58 -24.00 -8.38
CA GLU B 492 40.68 -24.92 -8.59
C GLU B 492 41.98 -24.27 -8.15
N VAL B 493 43.06 -25.07 -8.17
CA VAL B 493 44.36 -24.58 -7.75
C VAL B 493 44.82 -23.48 -8.69
N ASP B 494 45.32 -22.39 -8.10
CA ASP B 494 45.75 -21.22 -8.88
C ASP B 494 47.08 -21.51 -9.53
N GLU B 495 47.03 -21.96 -10.80
CA GLU B 495 48.26 -22.23 -11.54
C GLU B 495 49.02 -20.95 -11.84
N THR B 496 48.33 -19.83 -11.98
CA THR B 496 48.96 -18.54 -12.28
C THR B 496 49.37 -17.79 -11.03
N TYR B 497 49.87 -18.49 -10.01
CA TYR B 497 50.28 -17.87 -8.76
C TYR B 497 51.78 -18.03 -8.57
N VAL B 498 52.43 -16.94 -8.18
CA VAL B 498 53.86 -16.97 -7.86
C VAL B 498 53.99 -17.23 -6.36
N PRO B 499 54.86 -18.15 -5.94
CA PRO B 499 54.97 -18.44 -4.51
C PRO B 499 55.41 -17.22 -3.72
N LYS B 500 55.12 -17.25 -2.42
CA LYS B 500 55.49 -16.15 -1.54
C LYS B 500 56.98 -16.20 -1.22
N GLU B 501 57.59 -15.02 -1.14
CA GLU B 501 59.00 -14.93 -0.75
C GLU B 501 59.16 -15.42 0.68
N PHE B 502 60.24 -16.15 0.92
CA PHE B 502 60.46 -16.74 2.23
C PHE B 502 60.78 -15.66 3.26
N ASN B 503 60.06 -15.67 4.37
CA ASN B 503 60.33 -14.78 5.50
C ASN B 503 60.39 -15.66 6.75
N ALA B 504 61.60 -15.88 7.27
CA ALA B 504 61.77 -16.75 8.42
C ALA B 504 61.11 -16.19 9.67
N GLU B 505 60.89 -14.87 9.73
CA GLU B 505 60.25 -14.29 10.91
C GLU B 505 58.85 -14.83 11.11
N THR B 506 58.11 -15.10 10.02
CA THR B 506 56.80 -15.71 10.15
C THR B 506 56.91 -17.13 10.69
N PHE B 507 57.83 -17.92 10.15
CA PHE B 507 58.06 -19.27 10.63
C PHE B 507 58.87 -19.32 11.92
N THR B 508 59.32 -18.16 12.43
CA THR B 508 60.09 -18.12 13.67
C THR B 508 59.15 -18.31 14.84
N PHE B 509 59.15 -19.52 15.41
CA PHE B 509 58.33 -19.83 16.57
C PHE B 509 59.12 -19.62 17.84
N HIS B 510 58.51 -18.96 18.82
CA HIS B 510 59.13 -18.70 20.10
C HIS B 510 58.55 -19.65 21.16
N ALA B 511 59.05 -19.52 22.39
CA ALA B 511 58.53 -20.33 23.47
C ALA B 511 57.18 -19.83 24.00
N ASP B 512 56.68 -18.71 23.48
CA ASP B 512 55.39 -18.20 23.94
C ASP B 512 54.23 -19.10 23.54
N ILE B 513 54.40 -19.94 22.53
CA ILE B 513 53.30 -20.81 22.10
C ILE B 513 53.09 -21.93 23.10
N CYS B 514 54.14 -22.35 23.80
CA CYS B 514 53.99 -23.43 24.78
C CYS B 514 53.16 -23.02 25.99
N THR B 515 53.02 -21.71 26.22
CA THR B 515 52.19 -21.20 27.30
C THR B 515 50.86 -20.64 26.81
N LEU B 516 50.67 -20.55 25.50
CA LEU B 516 49.44 -20.00 24.94
C LEU B 516 48.29 -20.99 25.10
N SER B 517 47.07 -20.49 24.91
CA SER B 517 45.89 -21.32 25.05
C SER B 517 45.83 -22.36 23.94
N GLU B 518 44.92 -23.32 24.10
CA GLU B 518 44.78 -24.38 23.10
C GLU B 518 44.29 -23.82 21.78
N LYS B 519 43.38 -22.85 21.81
CA LYS B 519 42.89 -22.25 20.57
C LYS B 519 43.99 -21.43 19.90
N GLU B 520 44.67 -20.58 20.67
CA GLU B 520 45.72 -19.74 20.09
C GLU B 520 46.85 -20.57 19.51
N ARG B 521 47.21 -21.68 20.18
CA ARG B 521 48.21 -22.59 19.64
C ARG B 521 47.78 -23.13 18.28
N GLN B 522 46.50 -23.49 18.15
CA GLN B 522 45.99 -23.94 16.86
C GLN B 522 46.00 -22.81 15.84
N ILE B 523 45.53 -21.62 16.23
CA ILE B 523 45.57 -20.48 15.34
C ILE B 523 46.99 -20.19 14.89
N LYS B 524 47.94 -20.26 15.82
CA LYS B 524 49.34 -20.04 15.45
C LYS B 524 49.85 -21.15 14.53
N LYS B 525 49.51 -22.40 14.85
CA LYS B 525 49.95 -23.51 14.01
C LYS B 525 49.26 -23.49 12.65
N GLN B 526 48.00 -23.06 12.61
CA GLN B 526 47.31 -22.97 11.32
C GLN B 526 47.75 -21.75 10.53
N THR B 527 48.13 -20.67 11.21
CA THR B 527 48.65 -19.49 10.51
C THR B 527 49.95 -19.82 9.79
N ALA B 528 50.83 -20.58 10.44
CA ALA B 528 52.08 -20.98 9.81
C ALA B 528 51.84 -21.96 8.67
N LEU B 529 50.79 -22.78 8.77
CA LEU B 529 50.47 -23.70 7.69
C LEU B 529 50.07 -22.95 6.42
N VAL B 530 49.36 -21.83 6.57
CA VAL B 530 48.99 -21.04 5.41
C VAL B 530 50.23 -20.46 4.76
N GLU B 531 51.10 -19.83 5.55
CA GLU B 531 52.31 -19.22 5.01
C GLU B 531 53.24 -20.26 4.42
N LEU B 532 53.23 -21.48 4.96
CA LEU B 532 54.04 -22.55 4.38
C LEU B 532 53.50 -22.98 3.02
N VAL B 533 52.18 -23.12 2.91
CA VAL B 533 51.59 -23.52 1.63
C VAL B 533 51.68 -22.38 0.62
N LYS B 534 51.59 -21.13 1.08
CA LYS B 534 51.74 -20.01 0.16
C LYS B 534 53.15 -19.96 -0.42
N HIS B 535 54.16 -20.25 0.41
CA HIS B 535 55.55 -20.24 -0.05
C HIS B 535 55.88 -21.44 -0.92
N LYS B 536 55.26 -22.59 -0.68
CA LYS B 536 55.48 -23.79 -1.48
C LYS B 536 54.12 -24.33 -1.90
N PRO B 537 53.52 -23.75 -2.94
CA PRO B 537 52.20 -24.24 -3.39
C PRO B 537 52.24 -25.63 -4.01
N LYS B 538 53.31 -25.95 -4.75
CA LYS B 538 53.40 -27.22 -5.44
C LYS B 538 53.87 -28.36 -4.53
N ALA B 539 54.01 -28.14 -3.24
CA ALA B 539 54.42 -29.20 -2.34
C ALA B 539 53.34 -30.27 -2.27
N THR B 540 53.76 -31.54 -2.38
CA THR B 540 52.82 -32.64 -2.36
C THR B 540 52.37 -32.94 -0.93
N LYS B 541 51.38 -33.84 -0.82
CA LYS B 541 50.88 -34.22 0.49
C LYS B 541 51.93 -34.96 1.30
N GLU B 542 52.76 -35.76 0.65
CA GLU B 542 53.80 -36.50 1.37
C GLU B 542 54.86 -35.56 1.92
N GLN B 543 55.23 -34.54 1.15
CA GLN B 543 56.20 -33.56 1.61
C GLN B 543 55.64 -32.69 2.73
N LEU B 544 54.38 -32.24 2.58
CA LEU B 544 53.77 -31.43 3.63
C LEU B 544 53.57 -32.21 4.91
N LYS B 545 53.27 -33.51 4.81
CA LYS B 545 53.09 -34.32 6.01
C LYS B 545 54.38 -34.41 6.81
N ALA B 546 55.52 -34.50 6.12
CA ALA B 546 56.81 -34.61 6.81
C ALA B 546 57.11 -33.33 7.60
N VAL B 547 56.76 -32.17 7.05
CA VAL B 547 57.01 -30.91 7.76
C VAL B 547 56.08 -30.77 8.95
N MET B 548 54.88 -31.35 8.88
CA MET B 548 53.92 -31.20 9.96
C MET B 548 54.24 -32.12 11.14
N ASP B 549 54.60 -33.38 10.87
CA ASP B 549 54.91 -34.29 11.97
C ASP B 549 56.23 -33.91 12.63
N ASP B 550 57.20 -33.41 11.87
CA ASP B 550 58.43 -32.89 12.47
C ASP B 550 58.14 -31.66 13.32
N PHE B 551 57.16 -30.84 12.92
CA PHE B 551 56.78 -29.70 13.74
C PHE B 551 56.20 -30.13 15.08
N ALA B 552 55.60 -31.33 15.13
CA ALA B 552 55.15 -31.86 16.40
C ALA B 552 56.34 -32.29 17.27
N ALA B 553 57.31 -32.98 16.67
CA ALA B 553 58.51 -33.36 17.43
C ALA B 553 59.39 -32.15 17.75
N PHE B 554 59.19 -31.03 17.05
CA PHE B 554 59.94 -29.82 17.36
C PHE B 554 59.37 -29.11 18.57
N VAL B 555 58.04 -29.04 18.68
CA VAL B 555 57.42 -28.39 19.83
C VAL B 555 57.49 -29.29 21.07
N GLU B 556 57.43 -30.60 20.88
CA GLU B 556 57.49 -31.50 22.03
C GLU B 556 58.90 -31.54 22.64
N LYS B 557 59.93 -31.50 21.80
CA LYS B 557 61.28 -31.57 22.31
C LYS B 557 61.71 -30.27 22.98
N CYS B 558 61.19 -29.13 22.52
CA CYS B 558 61.57 -27.84 23.06
C CYS B 558 60.73 -27.40 24.25
N CYS B 559 59.70 -28.16 24.61
CA CYS B 559 58.86 -27.81 25.75
C CYS B 559 58.41 -29.06 26.50
N LYS B 564 64.52 -23.94 26.94
CA LYS B 564 63.40 -24.07 26.02
C LYS B 564 63.49 -23.04 24.91
N GLU B 565 63.95 -21.83 25.26
CA GLU B 565 64.07 -20.76 24.27
C GLU B 565 65.16 -21.08 23.25
N THR B 566 66.32 -21.54 23.72
CA THR B 566 67.42 -21.86 22.82
C THR B 566 67.07 -23.06 21.94
N CYS B 567 66.26 -23.98 22.44
CA CYS B 567 65.83 -25.12 21.63
C CYS B 567 65.03 -24.67 20.42
N PHE B 568 64.12 -23.72 20.62
CA PHE B 568 63.27 -23.26 19.51
C PHE B 568 64.09 -22.56 18.44
N ALA B 569 65.13 -21.83 18.85
CA ALA B 569 65.96 -21.12 17.87
C ALA B 569 66.87 -22.08 17.13
N GLU B 570 67.45 -23.06 17.84
CA GLU B 570 68.39 -23.99 17.21
C GLU B 570 67.64 -25.01 16.35
N GLU B 571 66.69 -25.72 16.95
CA GLU B 571 65.91 -26.69 16.19
C GLU B 571 65.04 -26.03 15.14
N GLY B 572 64.60 -24.79 15.39
CA GLY B 572 63.83 -24.08 14.39
C GLY B 572 64.61 -23.83 13.13
N LYS B 573 65.88 -23.43 13.26
CA LYS B 573 66.74 -23.29 12.09
C LYS B 573 67.00 -24.63 11.43
N LYS B 574 66.96 -25.71 12.21
CA LYS B 574 67.13 -27.05 11.65
C LYS B 574 65.96 -27.40 10.74
N LEU B 575 64.73 -27.15 11.20
CA LEU B 575 63.57 -27.47 10.39
C LEU B 575 63.41 -26.52 9.22
N VAL B 576 63.80 -25.25 9.39
CA VAL B 576 63.64 -24.28 8.31
C VAL B 576 64.51 -24.65 7.11
N ALA B 577 65.76 -25.03 7.37
CA ALA B 577 66.67 -25.37 6.28
C ALA B 577 66.38 -26.76 5.71
N ALA B 578 66.02 -27.72 6.58
CA ALA B 578 65.72 -29.07 6.12
C ALA B 578 64.46 -29.08 5.24
N SER B 579 63.45 -28.29 5.62
CA SER B 579 62.24 -28.22 4.82
C SER B 579 62.43 -27.40 3.56
N GLN B 580 63.28 -26.37 3.61
CA GLN B 580 63.51 -25.53 2.43
C GLN B 580 64.15 -26.31 1.29
N ALA B 581 64.82 -27.43 1.58
CA ALA B 581 65.39 -28.26 0.53
C ALA B 581 64.46 -29.40 0.11
N ALA B 582 63.41 -29.68 0.88
CA ALA B 582 62.51 -30.78 0.57
C ALA B 582 61.15 -30.34 0.06
N LEU B 583 60.72 -29.12 0.38
CA LEU B 583 59.40 -28.65 -0.06
C LEU B 583 59.37 -28.40 -1.56
N GLY B 584 60.50 -28.10 -2.17
CA GLY B 584 60.56 -27.85 -3.60
C GLY B 584 60.70 -26.38 -3.95
S1 X56 C . -30.43 5.75 -22.96
C1 X56 C . -31.66 4.77 -22.13
C2 X56 C . -33.02 4.47 -22.91
C3 X56 C . -33.72 5.29 -21.79
C4 X56 C . -32.07 6.65 -20.45
C5 X56 C . -30.74 6.89 -20.40
O1 X56 C . -34.85 5.55 -21.47
O2 X56 C . -33.10 8.63 -19.78
N1 X56 C . -32.50 5.67 -21.34
C6 X56 C . -29.73 6.37 -21.41
C7 X56 C . -30.12 7.72 -19.32
C8 X56 C . -33.08 7.42 -19.62
O3 X56 C . -33.83 6.77 -18.91
N2 X56 C . -33.18 4.98 -24.24
C9 X56 C . -33.16 4.18 -25.31
O4 X56 C . -33.27 4.60 -26.46
C10 X56 C . -32.97 2.69 -25.02
N3 X56 C . -33.28 1.89 -26.19
C11 X56 C . -28.27 9.69 -18.91
C12 X56 C . -34.45 1.44 -26.64
C13 X56 C . -26.16 10.27 -17.99
S2 X56 C . -29.59 9.32 -19.98
C14 X56 C . -24.76 10.68 -17.72
N4 X56 C . -32.31 1.45 -27.01
N5 X56 C . -28.06 9.11 -17.76
N6 X56 C . -34.24 0.75 -27.73
N7 X56 C . -32.91 0.77 -27.94
N8 X56 C . -26.81 9.43 -17.26
S3 X56 C . -27.10 10.88 -19.31
C1 MYR D . -24.53 26.55 2.01
O1 MYR D . -24.19 26.12 3.15
O2 MYR D . -24.07 27.63 1.58
C2 MYR D . -25.52 25.75 1.16
C3 MYR D . -26.11 24.58 1.94
C4 MYR D . -27.36 25.05 2.69
C5 MYR D . -28.25 25.87 1.75
C6 MYR D . -29.40 26.50 2.51
C7 MYR D . -30.60 26.69 1.59
C8 MYR D . -31.46 25.43 1.61
C9 MYR D . -32.91 25.79 1.28
C10 MYR D . -33.83 24.58 1.48
C11 MYR D . -33.52 23.49 0.44
C12 MYR D . -34.73 23.23 -0.45
C13 MYR D . -34.49 23.86 -1.82
C14 MYR D . -35.21 25.22 -1.89
C1 MYR E . -11.03 1.50 -9.46
O1 MYR E . -10.20 2.08 -8.69
O2 MYR E . -12.20 1.94 -9.58
C2 MYR E . -10.58 0.27 -10.24
C3 MYR E . -11.18 0.33 -11.64
C4 MYR E . -10.24 -0.32 -12.64
C5 MYR E . -10.64 0.09 -14.06
C6 MYR E . -9.50 -0.22 -15.03
C7 MYR E . -9.89 0.26 -16.42
C8 MYR E . -9.14 -0.57 -17.47
C9 MYR E . -9.58 -0.18 -18.88
C10 MYR E . -9.84 -1.43 -19.71
C11 MYR E . -8.54 -2.14 -20.08
C1 MYR F . -12.22 9.51 -5.61
O1 MYR F . -13.24 9.88 -4.96
O2 MYR F . -11.82 10.16 -6.61
C2 MYR F . -11.45 8.25 -5.20
C3 MYR F . -12.21 7.47 -4.13
C4 MYR F . -11.66 7.82 -2.75
C5 MYR F . -12.65 7.47 -1.64
C6 MYR F . -12.37 8.31 -0.40
C7 MYR F . -13.62 9.08 0.05
C8 MYR F . -13.81 10.34 -0.80
C9 MYR F . -14.93 11.20 -0.22
C10 MYR F . -14.95 12.57 -0.90
C11 MYR F . -15.38 12.44 -2.37
C12 MYR F . -16.90 12.62 -2.50
C13 MYR F . -17.40 13.68 -1.51
C14 MYR F . -18.73 14.26 -1.97
S1 X56 G . 27.86 -9.58 26.25
C1 X56 G . 27.78 -10.95 27.40
C2 X56 G . 28.94 -11.10 28.48
C3 X56 G . 29.29 -12.42 27.78
C4 X56 G . 28.20 -12.59 25.50
C5 X56 G . 27.40 -11.88 24.68
O1 X56 G . 30.03 -13.36 27.95
O2 X56 G . 28.37 -14.93 25.41
N1 X56 G . 28.43 -12.10 26.77
C6 X56 G . 26.91 -10.47 24.99
C7 X56 G . 26.89 -12.43 23.38
C8 X56 G . 28.88 -13.88 25.05
O3 X56 G . 29.87 -13.76 24.36
N2 X56 G . 30.01 -10.14 28.50
C9 X56 G . 30.01 -9.06 29.29
O4 X56 G . 30.89 -8.21 29.24
C10 X56 G . 28.85 -8.96 30.26
N3 X56 G . 29.30 -8.68 31.61
C11 X56 G . 26.40 -11.82 20.76
C12 X56 G . 29.63 -9.50 32.61
C13 X56 G . 24.78 -11.55 19.06
S2 X56 G . 27.63 -11.56 21.97
C14 X56 G . 23.84 -11.08 18.00
N4 X56 G . 29.46 -7.41 32.04
N5 X56 G . 25.49 -12.74 20.81
N6 X56 G . 29.98 -8.79 33.64
N7 X56 G . 29.87 -7.49 33.27
N8 X56 G . 24.53 -12.56 19.83
S3 X56 G . 26.30 -10.80 19.36
C1 MYR H . 5.50 -11.99 17.68
O1 MYR H . 4.54 -12.79 17.55
O2 MYR H . 6.42 -11.94 16.82
C2 MYR H . 5.55 -11.05 18.89
C3 MYR H . 4.86 -9.72 18.57
C4 MYR H . 4.88 -8.82 19.81
C5 MYR H . 6.20 -8.07 19.91
C6 MYR H . 5.93 -6.59 20.20
C7 MYR H . 7.25 -5.81 20.15
C8 MYR H . 6.97 -4.30 20.11
C9 MYR H . 6.22 -3.82 21.35
C10 MYR H . 7.04 -2.78 22.11
C11 MYR H . 6.18 -2.03 23.12
C1 MYR I . 9.50 -14.84 10.09
O1 MYR I . 9.06 -13.74 9.67
O2 MYR I . 10.67 -15.20 9.83
C2 MYR I . 8.60 -15.74 10.94
C3 MYR I . 7.17 -15.67 10.42
C4 MYR I . 6.23 -16.51 11.31
C5 MYR I . 6.58 -17.99 11.22
C6 MYR I . 6.25 -18.53 9.83
C7 MYR I . 6.82 -19.94 9.68
C8 MYR I . 7.97 -19.94 8.67
C9 MYR I . 8.69 -21.30 8.66
C10 MYR I . 9.60 -21.40 7.44
C11 MYR I . 10.39 -20.10 7.24
C12 MYR I . 11.71 -20.15 8.00
C13 MYR I . 12.82 -20.63 7.07
C14 MYR I . 14.04 -21.06 7.89
#